data_4XPP
#
_entry.id   4XPP
#
_cell.length_a   111.792
_cell.length_b   111.792
_cell.length_c   115.414
_cell.angle_alpha   90.00
_cell.angle_beta   90.00
_cell.angle_gamma   90.00
#
_symmetry.space_group_name_H-M   'P 43 21 2'
#
loop_
_entity.id
_entity.type
_entity.pdbx_description
1 polymer Alpha-glucosidase
2 non-polymer beta-D-galactopyranose
3 non-polymer 1,2-ETHANEDIOL
4 water water
#
_entity_poly.entity_id   1
_entity_poly.type   'polypeptide(L)'
_entity_poly.pdbx_seq_one_letter_code
;MGSSHHHHHHSSGLVPRGSHMASSHAQTANWTEIYPGVWKATVGKPESYDLLKAAGAQPNKDALSKTEKVSFPFANGGVS
LEVSGGKTYLRFPLQKEEQLYGFGLNFQTVHQRGKILELHVDHYGGKDSGRTHAPTPFYVSSNGYGVFINSARYIKVWAG
TGVRKDSENFPTPKDRNTDKTWSSRPYSDAVEILVPAEGVEVYVFGGPKPIDAVKRYNLLNGGGYLPPRWGLGFTQRVMT
RYTDKDVEKEVNDFKEKGYPLDFVGLEPGWQSKAYPGTFSWDKSRYPDPTSFVKKMKDQGIRLNLWINPYISPDAPFYKE
IKPYTGSHTVWLGLVPDFTMAEARKPFFNQLLKDQIERGVSGYKIDEVDGYDYYLWPDAAKFPSGLSAEQMRQTYGLLVQ
RYSAELYKQRNERTFGLVRASNGGGTSFPYVIYNDYYNHQDFITALINSGFAGVLWTPEVRASKSGEEWLRRFQSNVFSP
MAMINAWASGTKPWSYPEVEADVKKFALLRMQMMPYWYSAFARYHFEGMPPFRGMGLEEGFRQDAKVEKLNKVNLEENPY
AEAASKEIKDQYMAGDDLLVAPMFAGEKSRKVVLPKGKWYDFYTGEYAGDGEVLDVTPGLDKIPVYVRDGGIVPMMPALL
NSPKSNQKVDLEIRYYGNKPGEFKLYDDDGETFNYEKGDFSWRTIRVEKDKSGKVKGSISAAVKGKVNTVGKVTFTAMTK
;
_entity_poly.pdbx_strand_id   A
#
# COMPACT_ATOMS: atom_id res chain seq x y z
N ASN A 30 7.60 25.45 -19.39
CA ASN A 30 8.75 24.62 -19.89
C ASN A 30 8.99 23.35 -19.07
N TRP A 31 9.31 22.26 -19.77
CA TRP A 31 9.53 20.96 -19.14
C TRP A 31 11.01 20.67 -18.92
N THR A 32 11.46 20.81 -17.68
CA THR A 32 12.81 20.43 -17.28
C THR A 32 12.92 18.91 -16.99
N GLU A 33 13.73 18.22 -17.79
CA GLU A 33 14.05 16.81 -17.54
C GLU A 33 14.94 16.71 -16.31
N ILE A 34 14.35 16.41 -15.17
CA ILE A 34 15.06 16.46 -13.91
C ILE A 34 15.72 15.14 -13.53
N TYR A 35 15.33 14.06 -14.19
CA TYR A 35 15.92 12.71 -13.95
C TYR A 35 15.57 12.00 -15.22
N PRO A 36 16.19 10.85 -15.46
CA PRO A 36 15.79 10.13 -16.66
C PRO A 36 14.31 9.71 -16.62
N GLY A 37 13.58 10.08 -17.65
CA GLY A 37 12.14 9.78 -17.76
C GLY A 37 11.26 10.52 -16.74
N VAL A 38 11.76 11.62 -16.19
CA VAL A 38 11.01 12.44 -15.28
C VAL A 38 11.17 13.91 -15.67
N TRP A 39 10.06 14.58 -16.00
CA TRP A 39 10.05 15.99 -16.35
C TRP A 39 9.14 16.77 -15.43
N LYS A 40 9.51 18.02 -15.21
CA LYS A 40 8.82 18.93 -14.31
C LYS A 40 8.53 20.25 -15.02
N ALA A 41 7.28 20.70 -14.91
CA ALA A 41 6.86 22.01 -15.36
C ALA A 41 6.23 22.73 -14.18
N THR A 42 6.54 24.01 -14.03
CA THR A 42 5.94 24.86 -13.02
C THR A 42 5.02 25.81 -13.76
N VAL A 43 3.72 25.68 -13.50
CA VAL A 43 2.69 26.51 -14.15
C VAL A 43 2.29 27.60 -13.18
N GLY A 44 2.29 28.84 -13.66
CA GLY A 44 1.94 30.02 -12.88
C GLY A 44 2.75 30.20 -11.63
N LYS A 45 2.05 30.48 -10.54
CA LYS A 45 2.66 30.69 -9.24
C LYS A 45 2.17 29.58 -8.27
N PRO A 46 2.98 28.52 -8.06
CA PRO A 46 2.49 27.41 -7.24
C PRO A 46 2.41 27.74 -5.78
N GLU A 47 1.57 27.03 -5.05
CA GLU A 47 1.47 27.26 -3.62
C GLU A 47 2.76 26.78 -2.92
N SER A 48 3.04 27.36 -1.77
CA SER A 48 4.26 27.06 -1.03
C SER A 48 4.13 25.76 -0.25
N TYR A 49 2.91 25.26 -0.10
CA TYR A 49 2.69 23.94 0.48
C TYR A 49 2.08 23.06 -0.61
N ASP A 50 2.44 21.78 -0.61
CA ASP A 50 1.95 20.83 -1.61
C ASP A 50 2.26 19.44 -1.07
N LEU A 51 1.98 18.39 -1.85
CA LEU A 51 2.06 17.00 -1.35
C LEU A 51 3.50 16.55 -1.03
N LEU A 52 4.43 16.77 -1.97
CA LEU A 52 5.84 16.41 -1.77
C LEU A 52 6.46 17.11 -0.59
N LYS A 53 6.12 18.38 -0.42
CA LYS A 53 6.60 19.15 0.73
C LYS A 53 5.96 18.68 2.02
N ALA A 54 4.67 18.36 1.99
CA ALA A 54 4.03 17.86 3.19
C ALA A 54 4.72 16.59 3.63
N ALA A 55 5.01 15.71 2.69
CA ALA A 55 5.61 14.43 3.07
C ALA A 55 7.11 14.55 3.40
N GLY A 56 7.75 15.59 2.88
CA GLY A 56 9.19 15.77 3.07
C GLY A 56 9.88 14.68 2.27
N ALA A 57 9.21 14.32 1.17
CA ALA A 57 9.56 13.21 0.30
C ALA A 57 10.87 13.51 -0.40
N GLN A 58 11.91 12.71 -0.18
CA GLN A 58 13.18 12.88 -0.92
C GLN A 58 13.30 11.89 -2.08
N PRO A 59 13.57 12.39 -3.30
CA PRO A 59 13.78 11.49 -4.45
C PRO A 59 14.96 10.56 -4.24
N ASN A 60 14.90 9.36 -4.80
CA ASN A 60 16.04 8.47 -4.76
C ASN A 60 16.77 8.68 -6.08
N LYS A 61 17.73 9.61 -6.04
CA LYS A 61 18.50 10.04 -7.24
C LYS A 61 19.28 8.88 -7.85
N ASP A 62 19.93 8.13 -6.98
CA ASP A 62 20.71 6.96 -7.38
C ASP A 62 19.88 6.00 -8.26
N ALA A 63 18.70 5.61 -7.78
CA ALA A 63 17.84 4.64 -8.47
C ALA A 63 17.32 5.24 -9.75
N LEU A 64 16.98 6.53 -9.69
CA LEU A 64 16.44 7.24 -10.84
C LEU A 64 17.47 7.36 -11.97
N SER A 65 18.71 7.69 -11.61
CA SER A 65 19.80 7.83 -12.59
C SER A 65 20.04 6.53 -13.37
N LYS A 66 19.79 5.39 -12.72
CA LYS A 66 19.91 4.08 -13.36
C LYS A 66 18.75 3.69 -14.30
N THR A 67 17.65 4.44 -14.32
CA THR A 67 16.57 4.16 -15.28
C THR A 67 16.96 4.63 -16.69
N GLU A 68 16.32 4.03 -17.68
CA GLU A 68 16.55 4.33 -19.09
C GLU A 68 16.19 5.79 -19.39
N LYS A 69 17.00 6.50 -20.18
CA LYS A 69 16.54 7.77 -20.75
C LYS A 69 15.51 7.44 -21.81
N VAL A 70 14.42 8.18 -21.83
CA VAL A 70 13.35 7.94 -22.80
C VAL A 70 12.81 9.28 -23.23
N SER A 71 12.05 9.25 -24.32
CA SER A 71 11.55 10.46 -24.92
C SER A 71 10.35 10.99 -24.15
N PHE A 72 10.14 12.30 -24.27
CA PHE A 72 8.99 12.97 -23.71
C PHE A 72 7.71 12.38 -24.25
N PRO A 73 6.81 11.92 -23.36
CA PRO A 73 5.61 11.21 -23.81
C PRO A 73 4.59 12.04 -24.64
N PHE A 74 4.58 13.35 -24.50
CA PHE A 74 3.69 14.17 -25.31
C PHE A 74 4.53 14.88 -26.37
N ALA A 75 4.77 14.20 -27.48
CA ALA A 75 5.71 14.70 -28.49
C ALA A 75 5.03 15.48 -29.61
N ASN A 76 3.70 15.41 -29.64
CA ASN A 76 2.90 15.92 -30.75
C ASN A 76 1.97 17.03 -30.35
N GLY A 77 2.31 17.75 -29.30
CA GLY A 77 1.48 18.86 -28.86
C GLY A 77 0.25 18.42 -28.07
N GLY A 78 -0.72 19.31 -27.97
CA GLY A 78 -1.99 19.04 -27.30
C GLY A 78 -1.95 19.26 -25.79
N VAL A 79 -0.85 19.76 -25.28
CA VAL A 79 -0.68 20.04 -23.85
C VAL A 79 -0.95 21.51 -23.64
N SER A 80 -1.74 21.83 -22.62
CA SER A 80 -2.11 23.22 -22.32
C SER A 80 -2.12 23.39 -20.81
N LEU A 81 -1.36 24.37 -20.34
CA LEU A 81 -1.21 24.66 -18.93
C LEU A 81 -1.47 26.14 -18.81
N GLU A 82 -2.55 26.49 -18.11
CA GLU A 82 -3.15 27.81 -18.14
C GLU A 82 -3.53 28.20 -16.74
N VAL A 83 -3.30 29.46 -16.39
CA VAL A 83 -3.82 30.04 -15.15
C VAL A 83 -4.86 31.07 -15.53
N SER A 84 -6.00 31.03 -14.83
CA SER A 84 -7.14 31.88 -15.16
C SER A 84 -8.26 31.84 -14.11
N GLY A 85 -8.83 33.00 -13.83
CA GLY A 85 -9.95 33.12 -12.89
C GLY A 85 -9.59 32.52 -11.54
N GLY A 86 -8.31 32.61 -11.17
CA GLY A 86 -7.83 32.07 -9.90
C GLY A 86 -7.46 30.59 -9.85
N LYS A 87 -7.47 29.91 -11.00
CA LYS A 87 -7.28 28.45 -11.05
C LYS A 87 -6.34 28.06 -12.14
N THR A 88 -5.88 26.81 -12.08
CA THR A 88 -4.92 26.27 -13.04
C THR A 88 -5.63 25.18 -13.82
N TYR A 89 -5.70 25.35 -15.14
CA TYR A 89 -6.36 24.49 -16.08
C TYR A 89 -5.29 23.68 -16.79
N LEU A 90 -5.37 22.37 -16.70
CA LEU A 90 -4.42 21.50 -17.36
C LEU A 90 -5.16 20.63 -18.35
N ARG A 91 -4.56 20.48 -19.53
CA ARG A 91 -5.08 19.54 -20.50
C ARG A 91 -3.96 18.70 -21.05
N PHE A 92 -4.13 17.37 -21.03
CA PHE A 92 -3.20 16.44 -21.64
C PHE A 92 -3.92 15.60 -22.67
N PRO A 93 -3.27 15.39 -23.83
CA PRO A 93 -3.99 14.70 -24.90
C PRO A 93 -4.11 13.22 -24.63
N LEU A 94 -5.07 12.62 -25.31
CA LEU A 94 -5.28 11.19 -25.36
C LEU A 94 -5.37 10.76 -26.84
N GLN A 95 -4.86 9.56 -27.12
CA GLN A 95 -5.04 8.89 -28.40
C GLN A 95 -6.25 7.98 -28.26
N LYS A 96 -6.81 7.55 -29.37
CA LYS A 96 -7.86 6.52 -29.35
C LYS A 96 -7.32 5.21 -28.76
N GLU A 97 -8.14 4.50 -28.01
CA GLU A 97 -7.71 3.17 -27.49
C GLU A 97 -6.62 3.22 -26.38
N GLU A 98 -6.19 4.43 -26.03
CA GLU A 98 -5.48 4.68 -24.79
C GLU A 98 -6.44 4.44 -23.60
N GLN A 99 -5.98 3.67 -22.63
CA GLN A 99 -6.72 3.47 -21.38
C GLN A 99 -5.90 4.08 -20.23
N LEU A 100 -6.59 4.54 -19.19
CA LEU A 100 -5.98 5.16 -18.03
C LEU A 100 -6.21 4.36 -16.74
N TYR A 101 -5.26 4.46 -15.83
CA TYR A 101 -5.31 3.83 -14.51
C TYR A 101 -4.82 4.83 -13.47
N GLY A 102 -5.22 4.62 -12.22
CA GLY A 102 -4.83 5.47 -11.12
C GLY A 102 -5.94 6.39 -10.63
N PHE A 103 -5.57 7.63 -10.39
CA PHE A 103 -6.41 8.58 -9.67
C PHE A 103 -6.71 8.03 -8.29
N GLY A 104 -5.77 7.26 -7.74
CA GLY A 104 -5.81 6.92 -6.33
C GLY A 104 -6.45 5.58 -6.00
N LEU A 105 -6.94 5.44 -4.76
CA LEU A 105 -7.36 4.16 -4.25
C LEU A 105 -8.86 3.94 -4.47
N ASN A 106 -9.19 3.59 -5.69
CA ASN A 106 -10.55 3.25 -6.07
C ASN A 106 -10.87 1.79 -5.79
N PHE A 107 -12.15 1.56 -5.52
CA PHE A 107 -12.64 0.28 -4.99
C PHE A 107 -13.53 -0.52 -5.97
N GLN A 108 -13.98 0.12 -7.05
CA GLN A 108 -14.95 -0.48 -7.98
C GLN A 108 -14.64 -0.32 -9.46
N THR A 109 -13.60 0.45 -9.77
CA THR A 109 -13.19 0.70 -11.13
C THR A 109 -11.66 0.59 -11.21
N VAL A 110 -11.15 0.04 -12.30
CA VAL A 110 -9.71 0.04 -12.58
C VAL A 110 -9.43 0.92 -13.82
N HIS A 111 -10.18 0.72 -14.89
CA HIS A 111 -10.08 1.62 -16.06
C HIS A 111 -10.69 2.97 -15.71
N GLN A 112 -9.92 4.04 -15.90
CA GLN A 112 -10.31 5.37 -15.48
C GLN A 112 -10.67 6.32 -16.63
N ARG A 113 -10.46 5.89 -17.87
CA ARG A 113 -10.87 6.73 -18.97
C ARG A 113 -12.37 6.81 -19.00
N GLY A 114 -12.88 8.03 -19.14
CA GLY A 114 -14.30 8.30 -19.18
C GLY A 114 -14.86 8.67 -17.81
N LYS A 115 -14.01 8.78 -16.79
CA LYS A 115 -14.47 9.05 -15.43
C LYS A 115 -14.30 10.50 -15.06
N ILE A 116 -15.19 10.95 -14.18
CA ILE A 116 -15.13 12.28 -13.61
C ILE A 116 -14.97 12.17 -12.09
N LEU A 117 -13.95 12.84 -11.55
CA LEU A 117 -13.58 12.68 -10.15
C LEU A 117 -13.27 14.00 -9.50
N GLU A 118 -13.55 14.11 -8.21
CA GLU A 118 -12.91 15.14 -7.37
C GLU A 118 -12.09 14.43 -6.30
N LEU A 119 -10.77 14.57 -6.42
CA LEU A 119 -9.85 13.87 -5.55
C LEU A 119 -9.84 14.60 -4.21
N HIS A 120 -10.18 13.87 -3.16
CA HIS A 120 -10.58 14.44 -1.88
C HIS A 120 -10.42 13.36 -0.84
N VAL A 121 -9.51 13.53 0.08
CA VAL A 121 -9.34 12.55 1.16
C VAL A 121 -10.66 12.33 1.94
N ASP A 122 -10.99 11.07 2.17
CA ASP A 122 -12.22 10.70 2.88
C ASP A 122 -12.20 9.22 3.17
N HIS A 123 -13.00 8.79 4.13
CA HIS A 123 -13.34 7.38 4.22
C HIS A 123 -14.12 7.04 2.97
N TYR A 124 -13.83 5.89 2.39
CA TYR A 124 -14.54 5.47 1.19
C TYR A 124 -16.05 5.42 1.43
N GLY A 125 -16.81 5.96 0.48
CA GLY A 125 -18.25 6.18 0.63
C GLY A 125 -19.17 5.22 -0.13
N GLY A 126 -18.64 4.22 -0.81
CA GLY A 126 -19.46 3.22 -1.52
C GLY A 126 -19.52 3.42 -3.02
N LYS A 127 -18.91 4.49 -3.52
CA LYS A 127 -18.84 4.83 -4.96
C LYS A 127 -17.51 5.49 -5.24
N ASP A 128 -16.95 5.28 -6.44
CA ASP A 128 -15.68 5.87 -6.86
C ASP A 128 -15.93 7.25 -7.44
N SER A 129 -15.88 8.25 -6.59
CA SER A 129 -16.09 9.64 -6.98
C SER A 129 -14.82 10.44 -6.85
N GLY A 130 -13.74 9.85 -6.32
CA GLY A 130 -12.52 10.59 -5.95
C GLY A 130 -12.32 10.77 -4.45
N ARG A 131 -13.41 10.56 -3.70
CA ARG A 131 -13.38 10.56 -2.25
C ARG A 131 -12.87 9.21 -1.82
N THR A 132 -11.68 9.15 -1.26
CA THR A 132 -11.15 7.90 -0.79
C THR A 132 -9.91 8.17 0.06
N HIS A 133 -9.33 7.11 0.60
CA HIS A 133 -8.31 7.21 1.65
C HIS A 133 -7.01 7.84 1.13
N ALA A 134 -6.66 7.48 -0.10
CA ALA A 134 -5.49 7.99 -0.81
C ALA A 134 -5.86 8.41 -2.23
N PRO A 135 -6.32 9.64 -2.41
CA PRO A 135 -6.81 10.10 -3.70
C PRO A 135 -5.65 10.68 -4.54
N THR A 136 -4.65 9.83 -4.75
CA THR A 136 -3.39 10.21 -5.38
C THR A 136 -3.63 10.85 -6.74
N PRO A 137 -3.16 12.09 -6.93
CA PRO A 137 -3.34 12.77 -8.22
C PRO A 137 -2.27 12.35 -9.25
N PHE A 138 -2.23 11.05 -9.52
CA PHE A 138 -1.29 10.44 -10.41
C PHE A 138 -2.11 9.46 -11.25
N TYR A 139 -1.93 9.53 -12.56
CA TYR A 139 -2.52 8.56 -13.46
C TYR A 139 -1.49 8.02 -14.44
N VAL A 140 -1.78 6.83 -14.93
CA VAL A 140 -0.91 6.10 -15.79
C VAL A 140 -1.69 5.73 -17.03
N SER A 141 -1.04 5.88 -18.18
CA SER A 141 -1.62 5.46 -19.45
C SER A 141 -1.08 4.11 -19.88
N SER A 142 -1.93 3.35 -20.57
CA SER A 142 -1.51 2.12 -21.26
C SER A 142 -0.43 2.35 -22.32
N ASN A 143 -0.31 3.57 -22.85
CA ASN A 143 0.77 3.92 -23.78
C ASN A 143 2.10 4.10 -23.06
N GLY A 144 2.14 4.03 -21.74
CA GLY A 144 3.41 3.96 -21.04
C GLY A 144 3.97 5.28 -20.55
N TYR A 145 3.13 6.10 -19.95
CA TYR A 145 3.60 7.30 -19.28
C TYR A 145 2.70 7.55 -18.09
N GLY A 146 3.05 8.53 -17.27
CA GLY A 146 2.25 8.94 -16.12
C GLY A 146 2.34 10.43 -15.86
N VAL A 147 1.37 10.94 -15.11
CA VAL A 147 1.30 12.36 -14.80
C VAL A 147 0.92 12.51 -13.34
N PHE A 148 1.65 13.36 -12.63
CA PHE A 148 1.40 13.63 -11.24
C PHE A 148 1.19 15.13 -11.05
N ILE A 149 0.11 15.50 -10.38
CA ILE A 149 -0.22 16.89 -10.09
C ILE A 149 0.12 17.15 -8.63
N ASN A 150 1.14 17.94 -8.37
CA ASN A 150 1.61 18.12 -7.01
C ASN A 150 0.94 19.29 -6.32
N SER A 151 -0.33 19.07 -5.98
CA SER A 151 -1.13 20.02 -5.22
C SER A 151 -1.79 19.31 -4.01
N ALA A 152 -1.83 20.00 -2.87
CA ALA A 152 -2.56 19.54 -1.71
C ALA A 152 -3.97 20.09 -1.66
N ARG A 153 -4.48 20.61 -2.76
CA ARG A 153 -5.89 20.98 -2.80
C ARG A 153 -6.72 19.80 -3.28
N TYR A 154 -8.04 19.93 -3.12
CA TYR A 154 -8.97 19.06 -3.80
C TYR A 154 -8.88 19.37 -5.30
N ILE A 155 -8.83 18.34 -6.13
CA ILE A 155 -8.53 18.49 -7.54
C ILE A 155 -9.65 17.84 -8.38
N LYS A 156 -10.15 18.56 -9.38
CA LYS A 156 -11.17 18.01 -10.30
C LYS A 156 -10.53 17.45 -11.57
N VAL A 157 -11.08 16.31 -12.02
CA VAL A 157 -10.52 15.57 -13.12
C VAL A 157 -11.65 15.13 -14.03
N TRP A 158 -11.52 15.46 -15.31
CA TRP A 158 -12.38 14.95 -16.35
C TRP A 158 -11.51 14.10 -17.26
N ALA A 159 -11.56 12.80 -17.11
CA ALA A 159 -10.60 11.94 -17.77
C ALA A 159 -11.17 11.51 -19.10
N GLY A 160 -11.16 12.42 -20.06
CA GLY A 160 -11.72 12.09 -21.37
C GLY A 160 -13.23 12.03 -21.39
N THR A 161 -13.87 13.06 -20.85
CA THR A 161 -15.31 13.24 -20.95
C THR A 161 -15.64 14.54 -21.70
N GLY A 162 -14.82 15.56 -21.52
CA GLY A 162 -15.05 16.85 -22.20
C GLY A 162 -14.84 16.79 -23.71
N VAL A 163 -15.70 17.46 -24.46
CA VAL A 163 -15.60 17.51 -25.91
C VAL A 163 -15.48 18.96 -26.31
N ARG A 164 -14.35 19.30 -26.92
CA ARG A 164 -14.03 20.68 -27.22
C ARG A 164 -14.38 21.04 -28.66
N LYS A 165 -14.93 22.24 -28.88
CA LYS A 165 -15.34 22.64 -30.23
C LYS A 165 -14.13 22.80 -31.16
N ASP A 166 -13.02 23.30 -30.61
CA ASP A 166 -11.77 23.48 -31.36
C ASP A 166 -10.87 22.25 -31.36
N SER A 167 -11.41 21.09 -30.96
CA SER A 167 -10.65 19.85 -30.95
C SER A 167 -10.38 19.38 -32.38
N GLU A 168 -9.22 18.76 -32.53
CA GLU A 168 -8.78 18.19 -33.80
C GLU A 168 -9.62 16.98 -34.15
N ASN A 169 -10.26 16.38 -33.13
CA ASN A 169 -11.04 15.16 -33.27
C ASN A 169 -12.54 15.36 -32.98
N PHE A 170 -13.06 16.55 -33.27
CA PHE A 170 -14.47 16.84 -32.98
C PHE A 170 -15.37 15.97 -33.83
N PRO A 171 -16.14 15.05 -33.21
CA PRO A 171 -17.06 14.19 -33.99
C PRO A 171 -18.11 15.00 -34.76
N THR A 172 -18.57 14.44 -35.87
CA THR A 172 -19.58 15.10 -36.68
C THR A 172 -20.91 15.08 -35.90
N PRO A 173 -21.52 16.27 -35.70
CA PRO A 173 -22.84 16.37 -35.08
C PRO A 173 -23.92 15.59 -35.84
N LYS A 174 -24.67 14.77 -35.11
CA LYS A 174 -25.74 13.97 -35.69
C LYS A 174 -27.11 14.38 -35.19
N ASP A 175 -28.14 13.99 -35.93
CA ASP A 175 -29.51 14.31 -35.58
C ASP A 175 -30.19 13.17 -34.82
N ARG A 176 -30.43 13.38 -33.53
CA ARG A 176 -31.01 12.34 -32.69
C ARG A 176 -32.43 11.99 -33.11
N ASN A 177 -33.13 12.92 -33.72
CA ASN A 177 -34.49 12.64 -34.25
C ASN A 177 -34.50 11.52 -35.31
N THR A 178 -33.50 11.46 -36.18
CA THR A 178 -33.52 10.54 -37.35
C THR A 178 -32.38 9.50 -37.44
N ASP A 179 -31.30 9.72 -36.70
CA ASP A 179 -30.06 8.94 -36.87
C ASP A 179 -29.86 7.95 -35.73
N LYS A 180 -29.93 6.67 -36.06
CA LYS A 180 -29.77 5.55 -35.11
C LYS A 180 -28.39 5.46 -34.47
N THR A 181 -27.39 6.03 -35.16
CA THR A 181 -26.00 5.98 -34.69
C THR A 181 -25.69 7.08 -33.67
N TRP A 182 -26.63 8.02 -33.50
CA TRP A 182 -26.48 9.10 -32.52
C TRP A 182 -26.00 8.50 -31.21
N SER A 183 -24.99 9.11 -30.60
CA SER A 183 -24.38 8.57 -29.40
C SER A 183 -24.39 9.59 -28.28
N SER A 184 -24.73 9.14 -27.08
CA SER A 184 -24.74 10.00 -25.91
C SER A 184 -23.34 10.26 -25.35
N ARG A 185 -22.40 9.35 -25.59
CA ARG A 185 -21.00 9.57 -25.22
C ARG A 185 -20.08 9.56 -26.47
N PRO A 186 -20.02 10.70 -27.19
CA PRO A 186 -19.09 10.85 -28.32
C PRO A 186 -17.62 11.03 -27.89
N TYR A 187 -16.72 10.80 -28.83
CA TYR A 187 -15.30 10.69 -28.52
C TYR A 187 -14.72 11.98 -27.87
N SER A 188 -14.02 11.81 -26.74
CA SER A 188 -13.35 12.89 -26.04
C SER A 188 -11.86 12.60 -26.11
N ASP A 189 -11.04 13.61 -26.36
CA ASP A 189 -9.60 13.39 -26.72
C ASP A 189 -8.62 13.98 -25.72
N ALA A 190 -9.03 14.13 -24.47
CA ALA A 190 -8.16 14.74 -23.47
C ALA A 190 -8.55 14.45 -22.01
N VAL A 191 -7.55 14.53 -21.16
CA VAL A 191 -7.69 14.53 -19.74
C VAL A 191 -7.63 15.99 -19.35
N GLU A 192 -8.64 16.46 -18.63
CA GLU A 192 -8.68 17.81 -18.17
C GLU A 192 -8.71 17.83 -16.66
N ILE A 193 -7.93 18.72 -16.08
CA ILE A 193 -7.78 18.81 -14.66
C ILE A 193 -7.81 20.28 -14.23
N LEU A 194 -8.58 20.56 -13.19
CA LEU A 194 -8.71 21.89 -12.61
C LEU A 194 -8.19 21.88 -11.20
N VAL A 195 -7.17 22.69 -10.95
CA VAL A 195 -6.60 22.86 -9.61
C VAL A 195 -7.02 24.22 -9.08
N PRO A 196 -7.58 24.29 -7.86
CA PRO A 196 -8.03 25.60 -7.42
C PRO A 196 -6.89 26.39 -6.79
N ALA A 197 -5.97 26.89 -7.62
CA ALA A 197 -4.87 27.72 -7.14
C ALA A 197 -4.23 28.47 -8.29
N GLU A 198 -3.41 29.46 -7.97
CA GLU A 198 -2.81 30.33 -9.00
C GLU A 198 -1.66 29.63 -9.75
N GLY A 199 -1.32 28.40 -9.37
CA GLY A 199 -0.42 27.59 -10.20
C GLY A 199 -0.16 26.22 -9.63
N VAL A 200 0.63 25.42 -10.32
CA VAL A 200 0.91 24.07 -9.86
C VAL A 200 2.19 23.49 -10.48
N GLU A 201 2.87 22.65 -9.71
CA GLU A 201 3.91 21.78 -10.25
C GLU A 201 3.29 20.52 -10.81
N VAL A 202 3.63 20.19 -12.04
CA VAL A 202 3.22 18.98 -12.69
C VAL A 202 4.48 18.17 -12.99
N TYR A 203 4.39 16.84 -12.84
CA TYR A 203 5.46 15.93 -13.21
C TYR A 203 4.96 14.93 -14.23
N VAL A 204 5.76 14.67 -15.26
CA VAL A 204 5.40 13.67 -16.27
C VAL A 204 6.48 12.59 -16.24
N PHE A 205 6.07 11.33 -16.41
CA PHE A 205 6.95 10.20 -16.25
C PHE A 205 6.92 9.42 -17.54
N GLY A 206 8.10 9.06 -18.03
CA GLY A 206 8.22 8.37 -19.29
C GLY A 206 8.05 6.88 -19.10
N GLY A 207 8.10 6.18 -20.22
CA GLY A 207 7.86 4.76 -20.22
C GLY A 207 9.14 3.95 -20.24
N PRO A 208 9.22 2.99 -21.16
CA PRO A 208 8.25 2.74 -22.25
C PRO A 208 6.95 2.01 -21.85
N LYS A 209 6.96 1.32 -20.71
CA LYS A 209 5.83 0.56 -20.26
C LYS A 209 5.13 1.30 -19.09
N PRO A 210 3.83 1.03 -18.86
CA PRO A 210 3.10 1.65 -17.75
C PRO A 210 3.79 1.45 -16.41
N ILE A 211 4.29 0.24 -16.14
CA ILE A 211 5.01 -0.02 -14.88
C ILE A 211 6.27 0.81 -14.73
N ASP A 212 6.90 1.17 -15.84
CA ASP A 212 8.09 2.03 -15.76
C ASP A 212 7.74 3.43 -15.24
N ALA A 213 6.61 3.97 -15.69
CA ALA A 213 6.13 5.23 -15.20
C ALA A 213 5.81 5.19 -13.70
N VAL A 214 5.22 4.07 -13.25
CA VAL A 214 4.86 3.91 -11.84
C VAL A 214 6.12 3.85 -10.99
N LYS A 215 7.12 3.12 -11.49
CA LYS A 215 8.35 2.99 -10.74
C LYS A 215 9.06 4.33 -10.56
N ARG A 216 9.08 5.15 -11.60
CA ARG A 216 9.75 6.46 -11.53
C ARG A 216 9.02 7.37 -10.56
N TYR A 217 7.68 7.39 -10.67
CA TYR A 217 6.84 8.11 -9.72
C TYR A 217 7.19 7.70 -8.31
N ASN A 218 7.23 6.39 -8.07
CA ASN A 218 7.53 5.91 -6.73
C ASN A 218 8.94 6.26 -6.23
N LEU A 219 9.90 6.20 -7.13
CA LEU A 219 11.28 6.59 -6.82
C LEU A 219 11.39 8.09 -6.57
N LEU A 220 10.65 8.92 -7.31
CA LEU A 220 10.59 10.36 -7.00
C LEU A 220 10.12 10.61 -5.57
N ASN A 221 9.21 9.75 -5.10
CA ASN A 221 8.71 9.79 -3.70
C ASN A 221 9.66 9.22 -2.66
N GLY A 222 10.82 8.70 -3.09
CA GLY A 222 11.77 8.08 -2.18
C GLY A 222 11.84 6.56 -2.25
N GLY A 223 11.07 5.97 -3.17
CA GLY A 223 10.84 4.53 -3.18
C GLY A 223 9.90 4.11 -2.06
N GLY A 224 9.40 2.87 -2.10
CA GLY A 224 8.64 2.33 -0.96
C GLY A 224 9.48 2.19 0.30
N TYR A 225 8.86 2.15 1.47
CA TYR A 225 9.58 1.79 2.70
C TYR A 225 10.10 0.35 2.62
N LEU A 226 11.27 0.12 3.22
CA LEU A 226 11.81 -1.21 3.36
C LEU A 226 11.34 -1.75 4.73
N PRO A 227 10.33 -2.63 4.70
CA PRO A 227 9.72 -3.01 5.96
C PRO A 227 10.64 -3.91 6.72
N PRO A 228 10.47 -3.98 8.04
CA PRO A 228 11.16 -5.01 8.81
C PRO A 228 10.55 -6.37 8.50
N ARG A 229 11.31 -7.43 8.65
CA ARG A 229 10.78 -8.77 8.41
C ARG A 229 9.58 -9.03 9.35
N TRP A 230 9.65 -8.53 10.58
CA TRP A 230 8.56 -8.76 11.53
C TRP A 230 7.22 -8.15 11.08
N GLY A 231 7.30 -7.10 10.26
CA GLY A 231 6.10 -6.47 9.70
C GLY A 231 5.37 -7.30 8.66
N LEU A 232 6.06 -8.29 8.08
CA LEU A 232 5.43 -9.18 7.11
C LEU A 232 4.94 -10.46 7.77
N GLY A 233 5.03 -10.54 9.10
CA GLY A 233 4.51 -11.70 9.83
C GLY A 233 3.03 -11.51 10.08
N PHE A 234 2.46 -12.29 11.00
CA PHE A 234 1.05 -12.14 11.31
C PHE A 234 0.82 -11.17 12.46
N THR A 235 -0.20 -10.36 12.31
CA THR A 235 -0.62 -9.45 13.37
C THR A 235 -2.08 -9.71 13.75
N GLN A 236 -2.31 -9.77 15.06
CA GLN A 236 -3.64 -9.86 15.63
C GLN A 236 -3.94 -8.56 16.39
N ARG A 237 -4.98 -7.84 15.98
CA ARG A 237 -5.51 -6.76 16.79
C ARG A 237 -6.62 -7.33 17.69
N VAL A 238 -6.62 -6.95 18.97
CA VAL A 238 -7.56 -7.54 19.94
C VAL A 238 -8.62 -6.53 20.34
N MET A 239 -9.67 -7.01 21.01
CA MET A 239 -10.81 -6.14 21.37
C MET A 239 -10.40 -4.91 22.14
N THR A 240 -11.13 -3.83 21.94
CA THR A 240 -10.83 -2.53 22.57
C THR A 240 -10.57 -2.61 24.09
N ARG A 241 -11.33 -3.48 24.76
CA ARG A 241 -11.35 -3.61 26.22
C ARG A 241 -10.28 -4.54 26.80
N TYR A 242 -9.44 -5.15 25.97
CA TYR A 242 -8.44 -6.07 26.50
C TYR A 242 -7.55 -5.37 27.52
N THR A 243 -7.26 -6.08 28.60
CA THR A 243 -6.25 -5.68 29.56
C THR A 243 -4.92 -6.33 29.15
N ASP A 244 -3.83 -5.84 29.76
CA ASP A 244 -2.53 -6.50 29.60
C ASP A 244 -2.61 -8.00 29.86
N LYS A 245 -3.38 -8.42 30.86
CA LYS A 245 -3.59 -9.84 31.14
C LYS A 245 -4.28 -10.58 29.98
N ASP A 246 -5.30 -9.95 29.43
CA ASP A 246 -5.99 -10.52 28.29
C ASP A 246 -5.04 -10.72 27.10
N VAL A 247 -4.18 -9.74 26.86
CA VAL A 247 -3.25 -9.81 25.75
C VAL A 247 -2.27 -10.95 25.96
N GLU A 248 -1.73 -11.07 27.17
CA GLU A 248 -0.77 -12.13 27.53
C GLU A 248 -1.35 -13.48 27.29
N LYS A 249 -2.59 -13.66 27.73
CA LYS A 249 -3.28 -14.90 27.48
C LYS A 249 -3.44 -15.21 25.97
N GLU A 250 -3.81 -14.21 25.15
CA GLU A 250 -4.02 -14.43 23.70
C GLU A 250 -2.74 -14.89 23.06
N VAL A 251 -1.68 -14.18 23.41
CA VAL A 251 -0.34 -14.54 22.98
C VAL A 251 -0.04 -16.00 23.33
N ASN A 252 -0.33 -16.39 24.57
CA ASN A 252 -0.11 -17.79 24.97
C ASN A 252 -0.97 -18.76 24.17
N ASP A 253 -2.22 -18.37 23.89
CA ASP A 253 -3.04 -19.24 23.04
C ASP A 253 -2.48 -19.40 21.62
N PHE A 254 -1.90 -18.34 21.05
CA PHE A 254 -1.32 -18.44 19.70
C PHE A 254 -0.19 -19.47 19.72
N LYS A 255 0.69 -19.34 20.72
CA LYS A 255 1.83 -20.24 20.88
C LYS A 255 1.39 -21.69 21.11
N GLU A 256 0.49 -21.90 22.05
CA GLU A 256 -0.06 -23.22 22.36
C GLU A 256 -0.73 -23.85 21.13
N LYS A 257 -1.52 -23.08 20.41
CA LYS A 257 -2.20 -23.65 19.24
C LYS A 257 -1.33 -23.75 17.98
N GLY A 258 -0.12 -23.20 18.05
CA GLY A 258 0.83 -23.31 16.94
C GLY A 258 0.56 -22.37 15.76
N TYR A 259 -0.09 -21.23 16.04
CA TYR A 259 -0.31 -20.21 15.03
C TYR A 259 0.77 -19.14 15.14
N PRO A 260 1.25 -18.62 13.98
CA PRO A 260 2.25 -17.56 13.99
C PRO A 260 1.75 -16.20 14.49
N LEU A 261 2.66 -15.42 15.03
CA LEU A 261 2.36 -14.08 15.52
C LEU A 261 3.63 -13.28 15.72
N ASP A 262 3.66 -12.08 15.15
CA ASP A 262 4.79 -11.18 15.33
C ASP A 262 4.43 -9.92 16.09
N PHE A 263 3.26 -9.36 15.84
CA PHE A 263 2.87 -8.18 16.56
C PHE A 263 1.39 -8.14 16.85
N VAL A 264 1.07 -7.69 18.06
CA VAL A 264 -0.31 -7.54 18.48
C VAL A 264 -0.69 -6.08 18.39
N GLY A 265 -1.89 -5.84 17.86
CA GLY A 265 -2.46 -4.50 17.79
C GLY A 265 -3.35 -4.18 18.98
N LEU A 266 -3.04 -3.12 19.70
CA LEU A 266 -3.91 -2.66 20.76
C LEU A 266 -4.80 -1.58 20.22
N GLU A 267 -6.06 -1.64 20.65
CA GLU A 267 -7.13 -0.78 20.17
C GLU A 267 -7.37 0.29 21.26
N PRO A 268 -8.43 1.12 21.17
CA PRO A 268 -8.46 2.34 21.99
C PRO A 268 -8.34 2.21 23.52
N GLY A 269 -8.61 1.04 24.08
CA GLY A 269 -8.56 0.87 25.52
C GLY A 269 -7.18 0.82 26.14
N TRP A 270 -6.12 0.85 25.34
CA TRP A 270 -4.79 1.02 25.92
C TRP A 270 -4.60 2.41 26.51
N GLN A 271 -5.40 3.38 26.04
CA GLN A 271 -5.33 4.76 26.53
C GLN A 271 -6.30 4.98 27.68
N SER A 272 -5.90 5.85 28.59
CA SER A 272 -6.74 6.17 29.77
C SER A 272 -8.03 6.87 29.33
N LYS A 273 -7.94 7.70 28.30
CA LYS A 273 -9.14 8.10 27.57
C LYS A 273 -8.97 7.97 26.04
N ALA A 274 -10.05 7.62 25.37
CA ALA A 274 -10.12 7.67 23.88
C ALA A 274 -11.35 8.43 23.38
N TYR A 275 -11.18 9.06 22.22
CA TYR A 275 -12.22 9.82 21.54
C TYR A 275 -12.76 10.91 22.44
N PRO A 276 -11.95 11.92 22.78
CA PRO A 276 -10.58 12.12 22.37
C PRO A 276 -9.53 11.49 23.31
N GLY A 277 -8.26 11.61 22.94
CA GLY A 277 -7.24 10.74 23.50
C GLY A 277 -6.28 11.40 24.48
N THR A 278 -5.78 10.60 25.41
CA THR A 278 -4.78 11.04 26.37
C THR A 278 -3.35 10.72 25.95
N PHE A 279 -3.21 9.65 25.18
CA PHE A 279 -1.90 9.22 24.70
C PHE A 279 -1.06 8.70 25.88
N SER A 280 -1.73 8.12 26.87
CA SER A 280 -1.09 7.55 28.04
C SER A 280 -1.79 6.28 28.41
N TRP A 281 -1.03 5.36 28.99
CA TRP A 281 -1.51 4.04 29.27
C TRP A 281 -2.52 4.08 30.39
N ASP A 282 -3.64 3.39 30.20
CA ASP A 282 -4.67 3.31 31.22
C ASP A 282 -4.12 2.55 32.42
N LYS A 283 -4.32 3.12 33.60
CA LYS A 283 -3.72 2.61 34.87
C LYS A 283 -4.35 1.29 35.25
N SER A 284 -5.60 1.11 34.88
CA SER A 284 -6.37 -0.04 35.26
C SER A 284 -6.17 -1.22 34.29
N ARG A 285 -6.28 -0.97 32.99
CA ARG A 285 -6.07 -2.02 32.00
C ARG A 285 -4.56 -2.29 31.76
N TYR A 286 -3.72 -1.29 31.91
CA TYR A 286 -2.28 -1.48 31.72
C TYR A 286 -1.46 -0.86 32.90
N PRO A 287 -1.51 -1.49 34.12
CA PRO A 287 -0.88 -0.91 35.34
C PRO A 287 0.62 -0.64 35.20
N ASP A 288 1.31 -1.59 34.58
CA ASP A 288 2.77 -1.55 34.45
C ASP A 288 3.13 -1.67 32.94
N PRO A 289 3.07 -0.56 32.19
CA PRO A 289 3.34 -0.58 30.76
C PRO A 289 4.73 -1.11 30.42
N THR A 290 5.74 -0.57 31.10
CA THR A 290 7.11 -0.96 30.86
C THR A 290 7.29 -2.47 31.01
N SER A 291 6.72 -3.06 32.06
CA SER A 291 6.80 -4.52 32.28
C SER A 291 6.07 -5.30 31.19
N PHE A 292 4.87 -4.83 30.82
CA PHE A 292 4.06 -5.54 29.82
C PHE A 292 4.76 -5.53 28.45
N VAL A 293 5.24 -4.36 28.06
CA VAL A 293 5.87 -4.26 26.74
C VAL A 293 7.08 -5.19 26.70
N LYS A 294 7.83 -5.22 27.80
CA LYS A 294 9.02 -6.07 27.88
C LYS A 294 8.70 -7.56 27.85
N LYS A 295 7.65 -7.99 28.56
CA LYS A 295 7.25 -9.41 28.55
C LYS A 295 6.87 -9.89 27.16
N MET A 296 6.14 -9.04 26.44
CA MET A 296 5.66 -9.42 25.13
C MET A 296 6.85 -9.52 24.20
N LYS A 297 7.75 -8.54 24.27
CA LYS A 297 8.98 -8.55 23.48
C LYS A 297 9.83 -9.80 23.76
N ASP A 298 10.06 -10.11 25.04
CA ASP A 298 10.84 -11.31 25.41
C ASP A 298 10.19 -12.59 24.85
N GLN A 299 8.91 -12.53 24.53
CA GLN A 299 8.25 -13.66 23.90
C GLN A 299 8.15 -13.56 22.38
N GLY A 300 8.90 -12.62 21.80
CA GLY A 300 8.91 -12.41 20.35
C GLY A 300 7.79 -11.52 19.78
N ILE A 301 7.03 -10.86 20.65
CA ILE A 301 5.80 -10.16 20.26
C ILE A 301 5.90 -8.65 20.39
N ARG A 302 5.81 -7.98 19.25
CA ARG A 302 5.83 -6.53 19.23
C ARG A 302 4.39 -5.98 19.39
N LEU A 303 4.31 -4.70 19.68
CA LEU A 303 3.01 -4.08 19.91
C LEU A 303 2.84 -2.91 18.97
N ASN A 304 1.61 -2.77 18.47
CA ASN A 304 1.27 -1.67 17.60
C ASN A 304 0.04 -1.01 18.17
N LEU A 305 0.13 0.30 18.39
CA LEU A 305 -0.88 1.05 19.10
C LEU A 305 -1.84 1.91 18.24
N TRP A 306 -3.14 1.68 18.43
CA TRP A 306 -4.17 2.55 17.86
C TRP A 306 -4.05 3.98 18.43
N ILE A 307 -4.03 4.98 17.56
CA ILE A 307 -4.31 6.34 17.97
C ILE A 307 -5.20 7.02 16.94
N ASN A 308 -6.02 7.99 17.37
CA ASN A 308 -6.35 9.07 16.45
C ASN A 308 -5.66 10.28 17.06
N PRO A 309 -5.39 11.32 16.26
CA PRO A 309 -4.54 12.40 16.75
C PRO A 309 -5.27 13.55 17.46
N TYR A 310 -6.40 13.26 18.09
CA TYR A 310 -7.28 14.29 18.60
C TYR A 310 -7.19 14.33 20.11
N ILE A 311 -6.94 15.51 20.64
CA ILE A 311 -6.37 15.64 21.99
C ILE A 311 -7.42 15.85 23.09
N SER A 312 -7.49 14.91 24.04
CA SER A 312 -8.26 15.10 25.29
C SER A 312 -7.72 16.24 26.21
N PRO A 313 -8.65 16.95 26.92
CA PRO A 313 -8.23 17.90 27.97
C PRO A 313 -7.36 17.25 29.04
N ASP A 314 -7.51 15.94 29.22
CA ASP A 314 -6.75 15.18 30.20
C ASP A 314 -5.45 14.61 29.67
N ALA A 315 -5.08 14.93 28.44
CA ALA A 315 -3.79 14.51 27.91
C ALA A 315 -2.72 15.35 28.58
N PRO A 316 -1.56 14.76 28.89
CA PRO A 316 -0.59 15.49 29.72
C PRO A 316 0.02 16.71 29.05
N PHE A 317 -0.11 16.83 27.74
CA PHE A 317 0.42 17.97 27.00
C PHE A 317 -0.68 18.89 26.48
N TYR A 318 -1.91 18.72 26.94
CA TYR A 318 -3.05 19.49 26.46
C TYR A 318 -2.85 21.02 26.45
N LYS A 319 -2.45 21.58 27.59
CA LYS A 319 -2.34 23.04 27.74
C LYS A 319 -1.27 23.56 26.81
N GLU A 320 -0.14 22.85 26.75
CA GLU A 320 0.96 23.26 25.87
C GLU A 320 0.55 23.26 24.40
N ILE A 321 -0.23 22.28 23.97
CA ILE A 321 -0.49 22.15 22.54
C ILE A 321 -1.63 23.06 22.09
N LYS A 322 -2.52 23.39 23.02
CA LYS A 322 -3.78 24.02 22.65
C LYS A 322 -3.71 25.18 21.66
N PRO A 323 -2.79 26.14 21.87
CA PRO A 323 -2.74 27.24 20.87
C PRO A 323 -2.32 26.78 19.49
N TYR A 324 -1.77 25.59 19.36
CA TYR A 324 -1.29 25.15 18.06
C TYR A 324 -2.24 24.11 17.48
N THR A 325 -3.54 24.34 17.69
CA THR A 325 -4.59 23.43 17.24
C THR A 325 -5.68 24.20 16.49
N GLY A 326 -6.40 23.48 15.64
CA GLY A 326 -7.38 24.10 14.72
C GLY A 326 -8.59 24.64 15.44
N SER A 327 -9.36 25.47 14.75
CA SER A 327 -10.61 25.98 15.28
C SER A 327 -11.65 24.92 15.63
N HIS A 328 -11.62 23.78 14.94
CA HIS A 328 -12.66 22.76 15.10
C HIS A 328 -12.08 21.48 15.64
N THR A 329 -12.90 20.75 16.38
CA THR A 329 -12.51 19.52 17.01
C THR A 329 -13.09 18.30 16.28
N VAL A 330 -12.48 17.14 16.50
CA VAL A 330 -12.97 15.88 16.03
C VAL A 330 -13.19 15.00 17.25
N TRP A 331 -14.40 14.47 17.43
CA TRP A 331 -14.83 13.81 18.67
C TRP A 331 -14.48 14.63 19.94
N LEU A 332 -14.63 15.94 19.85
CA LEU A 332 -14.35 16.84 20.97
C LEU A 332 -12.87 16.88 21.33
N GLY A 333 -12.00 16.46 20.44
CA GLY A 333 -10.58 16.51 20.69
C GLY A 333 -9.98 17.59 19.85
N LEU A 334 -8.91 18.19 20.35
CA LEU A 334 -8.26 19.24 19.60
C LEU A 334 -7.55 18.60 18.42
N VAL A 335 -7.41 19.37 17.34
CA VAL A 335 -6.75 18.92 16.13
C VAL A 335 -5.43 19.63 15.98
N PRO A 336 -4.31 18.94 16.25
CA PRO A 336 -3.00 19.58 16.12
C PRO A 336 -2.66 20.02 14.69
N ASP A 337 -2.09 21.21 14.57
CA ASP A 337 -1.53 21.66 13.30
C ASP A 337 -0.10 21.14 13.22
N PHE A 338 0.04 19.98 12.61
CA PHE A 338 1.32 19.29 12.57
C PHE A 338 2.31 19.94 11.60
N THR A 339 1.92 21.01 10.91
CA THR A 339 2.89 21.82 10.19
C THR A 339 3.69 22.73 11.13
N MET A 340 3.29 22.86 12.40
CA MET A 340 4.00 23.72 13.36
C MET A 340 4.80 22.88 14.34
N ALA A 341 6.10 23.18 14.46
CA ALA A 341 7.00 22.52 15.40
C ALA A 341 6.41 22.53 16.80
N GLU A 342 5.69 23.59 17.11
CA GLU A 342 5.10 23.76 18.45
C GLU A 342 3.99 22.75 18.75
N ALA A 343 3.33 22.24 17.71
CA ALA A 343 2.35 21.18 17.86
C ALA A 343 3.07 19.81 17.82
N ARG A 344 4.04 19.68 16.93
CA ARG A 344 4.75 18.41 16.78
C ARG A 344 5.49 17.98 18.05
N LYS A 345 6.17 18.94 18.69
CA LYS A 345 7.05 18.60 19.79
C LYS A 345 6.29 17.96 20.96
N PRO A 346 5.22 18.61 21.47
CA PRO A 346 4.50 17.96 22.58
C PRO A 346 3.85 16.64 22.20
N PHE A 347 3.34 16.55 20.97
CA PHE A 347 2.60 15.36 20.54
C PHE A 347 3.54 14.19 20.42
N PHE A 348 4.56 14.38 19.59
CA PHE A 348 5.51 13.30 19.31
C PHE A 348 6.46 13.00 20.47
N ASN A 349 6.72 13.99 21.32
CA ASN A 349 7.48 13.75 22.54
C ASN A 349 6.74 12.79 23.48
N GLN A 350 5.43 12.95 23.61
CA GLN A 350 4.66 12.07 24.44
C GLN A 350 4.70 10.65 23.88
N LEU A 351 4.56 10.50 22.57
CA LEU A 351 4.61 9.13 22.00
C LEU A 351 5.99 8.51 22.27
N LEU A 352 7.04 9.30 22.01
CA LEU A 352 8.43 8.84 22.23
C LEU A 352 8.65 8.33 23.66
N LYS A 353 8.35 9.17 24.64
CA LYS A 353 8.66 8.91 26.05
C LYS A 353 7.77 7.87 26.74
N ASP A 354 6.47 7.96 26.48
CA ASP A 354 5.53 7.06 27.14
C ASP A 354 5.34 5.69 26.44
N GLN A 355 5.75 5.56 25.18
CA GLN A 355 5.49 4.30 24.44
C GLN A 355 6.70 3.78 23.66
N ILE A 356 7.21 4.56 22.72
CA ILE A 356 8.32 4.10 21.88
C ILE A 356 9.54 3.68 22.73
N GLU A 357 9.83 4.47 23.75
CA GLU A 357 10.98 4.16 24.60
C GLU A 357 10.71 3.01 25.57
N ARG A 358 9.45 2.62 25.75
CA ARG A 358 9.15 1.41 26.46
C ARG A 358 9.29 0.18 25.55
N GLY A 359 9.41 0.39 24.24
CA GLY A 359 9.53 -0.73 23.26
C GLY A 359 8.41 -0.88 22.22
N VAL A 360 7.40 0.00 22.25
CA VAL A 360 6.31 -0.06 21.28
C VAL A 360 6.87 0.03 19.86
N SER A 361 6.45 -0.91 19.02
CA SER A 361 7.03 -1.10 17.67
C SER A 361 6.47 -0.14 16.62
N GLY A 362 5.24 0.33 16.84
CA GLY A 362 4.56 1.21 15.89
C GLY A 362 3.11 1.56 16.22
N TYR A 363 2.48 2.24 15.27
CA TYR A 363 1.17 2.85 15.46
C TYR A 363 0.16 2.47 14.36
N LYS A 364 -1.11 2.65 14.68
CA LYS A 364 -2.23 2.62 13.73
C LYS A 364 -2.85 4.00 13.80
N ILE A 365 -2.69 4.77 12.74
CA ILE A 365 -3.05 6.16 12.74
C ILE A 365 -4.44 6.22 12.14
N ASP A 366 -5.45 6.33 12.99
CA ASP A 366 -6.84 6.12 12.61
C ASP A 366 -7.55 7.42 12.37
N GLU A 367 -8.56 7.37 11.51
CA GLU A 367 -9.57 8.40 11.43
C GLU A 367 -8.99 9.78 11.09
N VAL A 368 -8.00 9.75 10.19
CA VAL A 368 -7.43 10.94 9.62
C VAL A 368 -7.92 11.16 8.18
N ASP A 369 -9.04 10.48 7.86
CA ASP A 369 -9.61 10.51 6.51
C ASP A 369 -10.96 11.22 6.43
N GLY A 370 -11.94 10.79 7.24
CA GLY A 370 -13.32 11.28 7.20
C GLY A 370 -14.25 10.41 8.03
N TYR A 371 -15.57 10.48 7.87
CA TYR A 371 -16.30 11.29 6.89
C TYR A 371 -16.33 12.80 7.19
N ASP A 372 -16.95 13.56 6.30
CA ASP A 372 -17.01 15.02 6.45
C ASP A 372 -17.69 15.43 7.72
N TYR A 373 -18.65 14.63 8.18
CA TYR A 373 -19.34 14.94 9.43
C TYR A 373 -18.59 14.52 10.69
N TYR A 374 -17.40 13.97 10.56
CA TYR A 374 -16.60 13.61 11.73
C TYR A 374 -15.40 14.50 11.77
N LEU A 375 -14.67 14.60 10.66
CA LEU A 375 -13.53 15.48 10.62
C LEU A 375 -13.93 16.95 10.54
N TRP A 376 -12.96 17.83 10.66
CA TRP A 376 -13.19 19.26 10.58
C TRP A 376 -13.71 19.65 9.22
N PRO A 377 -14.59 20.64 9.18
CA PRO A 377 -15.07 21.12 7.93
C PRO A 377 -13.99 21.94 7.23
N ASP A 378 -14.17 22.15 5.93
CA ASP A 378 -13.25 23.00 5.17
C ASP A 378 -13.28 24.44 5.67
N ALA A 379 -14.32 24.83 6.39
CA ALA A 379 -14.42 26.18 6.92
C ALA A 379 -13.54 26.37 8.16
N ALA A 380 -12.99 25.29 8.72
CA ALA A 380 -12.09 25.42 9.85
C ALA A 380 -10.86 26.27 9.52
N LYS A 381 -10.23 26.78 10.57
CA LYS A 381 -9.03 27.60 10.49
C LYS A 381 -7.92 26.94 11.30
N PHE A 382 -6.69 26.95 10.77
CA PHE A 382 -5.55 26.42 11.48
C PHE A 382 -4.55 27.54 11.76
N PRO A 383 -3.85 27.46 12.90
CA PRO A 383 -3.02 28.58 13.39
C PRO A 383 -1.82 28.88 12.48
N SER A 384 -1.36 27.90 11.71
CA SER A 384 -0.33 28.12 10.69
C SER A 384 -0.81 28.93 9.49
N GLY A 385 -2.11 29.11 9.35
CA GLY A 385 -2.65 29.70 8.12
C GLY A 385 -2.89 28.69 7.00
N LEU A 386 -2.39 27.47 7.12
CA LEU A 386 -2.70 26.46 6.08
C LEU A 386 -4.22 26.28 6.00
N SER A 387 -4.76 26.32 4.79
CA SER A 387 -6.18 26.05 4.60
C SER A 387 -6.55 24.66 5.17
N ALA A 388 -7.78 24.56 5.67
CA ALA A 388 -8.29 23.30 6.18
C ALA A 388 -8.40 22.23 5.08
N GLU A 389 -8.57 22.65 3.82
CA GLU A 389 -8.55 21.78 2.65
C GLU A 389 -7.20 21.08 2.47
N GLN A 390 -6.13 21.86 2.45
CA GLN A 390 -4.79 21.28 2.33
C GLN A 390 -4.43 20.48 3.58
N MET A 391 -5.00 20.84 4.73
CA MET A 391 -4.79 20.04 5.93
C MET A 391 -5.48 18.66 5.77
N ARG A 392 -6.74 18.66 5.33
CA ARG A 392 -7.50 17.42 5.09
C ARG A 392 -6.73 16.50 4.14
N GLN A 393 -6.18 17.09 3.08
CA GLN A 393 -5.49 16.35 2.04
C GLN A 393 -4.19 15.68 2.48
N THR A 394 -3.59 16.19 3.54
CA THR A 394 -2.24 15.82 3.94
C THR A 394 -2.12 15.41 5.41
N TYR A 395 -3.20 15.42 6.15
CA TYR A 395 -3.08 15.09 7.57
C TYR A 395 -2.46 13.70 7.78
N GLY A 396 -2.94 12.71 7.06
CA GLY A 396 -2.35 11.40 7.12
C GLY A 396 -0.86 11.41 6.81
N LEU A 397 -0.47 12.07 5.70
CA LEU A 397 0.93 12.18 5.35
C LEU A 397 1.79 12.73 6.52
N LEU A 398 1.30 13.79 7.15
CA LEU A 398 2.02 14.41 8.25
C LEU A 398 2.23 13.43 9.42
N VAL A 399 1.19 12.71 9.78
CA VAL A 399 1.28 11.86 10.95
C VAL A 399 2.16 10.65 10.62
N GLN A 400 2.07 10.13 9.40
CA GLN A 400 3.02 9.10 8.96
C GLN A 400 4.47 9.58 9.02
N ARG A 401 4.69 10.79 8.54
CA ARG A 401 6.02 11.34 8.37
C ARG A 401 6.74 11.48 9.70
N TYR A 402 6.13 12.21 10.62
CA TYR A 402 6.77 12.56 11.87
C TYR A 402 6.83 11.40 12.85
N SER A 403 5.84 10.48 12.78
CA SER A 403 5.91 9.27 13.60
C SER A 403 7.04 8.37 13.10
N ALA A 404 7.20 8.25 11.78
CA ALA A 404 8.20 7.32 11.24
C ALA A 404 9.61 7.79 11.60
N GLU A 405 9.78 9.11 11.60
CA GLU A 405 11.03 9.77 11.89
C GLU A 405 11.51 9.43 13.28
N LEU A 406 10.60 9.30 14.24
CA LEU A 406 10.98 8.92 15.59
C LEU A 406 11.71 7.58 15.57
N TYR A 407 11.22 6.66 14.73
CA TYR A 407 11.79 5.32 14.66
C TYR A 407 13.11 5.36 13.91
N LYS A 408 13.17 6.13 12.82
CA LYS A 408 14.44 6.24 12.07
C LYS A 408 15.61 6.80 12.90
N GLN A 409 15.29 7.81 13.72
CA GLN A 409 16.24 8.42 14.65
C GLN A 409 16.87 7.40 15.58
N ARG A 410 16.11 6.36 15.92
CA ARG A 410 16.60 5.31 16.80
C ARG A 410 17.16 4.10 16.05
N ASN A 411 17.40 4.25 14.74
CA ASN A 411 17.88 3.14 13.91
C ASN A 411 17.02 1.87 13.96
N GLU A 412 15.70 2.03 14.16
CA GLU A 412 14.77 0.90 14.17
C GLU A 412 13.67 1.11 13.14
N ARG A 413 13.44 0.11 12.31
CA ARG A 413 12.32 0.17 11.39
C ARG A 413 11.01 0.07 12.17
N THR A 414 9.96 0.67 11.61
CA THR A 414 8.58 0.45 12.08
C THR A 414 7.74 -0.06 10.89
N PHE A 415 6.51 -0.41 11.21
CA PHE A 415 5.56 -0.84 10.23
C PHE A 415 4.19 -0.77 10.91
N GLY A 416 3.27 -0.08 10.28
CA GLY A 416 1.96 0.12 10.84
C GLY A 416 0.88 0.42 9.82
N LEU A 417 -0.15 1.09 10.31
CA LEU A 417 -1.42 1.25 9.61
C LEU A 417 -1.83 2.72 9.63
N VAL A 418 -2.53 3.16 8.59
CA VAL A 418 -2.94 4.54 8.48
C VAL A 418 -4.21 4.57 7.65
N ARG A 419 -5.16 5.43 8.01
CA ARG A 419 -6.44 5.41 7.29
C ARG A 419 -6.53 6.47 6.22
N ALA A 420 -5.45 7.25 6.03
CA ALA A 420 -5.39 8.19 4.92
C ALA A 420 -3.94 8.42 4.49
N SER A 421 -3.78 8.65 3.21
CA SER A 421 -2.49 9.02 2.67
C SER A 421 -2.71 9.76 1.36
N ASN A 422 -1.63 10.02 0.63
CA ASN A 422 -1.76 10.74 -0.62
C ASN A 422 -0.49 10.62 -1.48
N GLY A 423 -0.49 11.29 -2.63
CA GLY A 423 0.73 11.52 -3.38
C GLY A 423 1.77 12.04 -2.39
N GLY A 424 3.02 11.62 -2.58
CA GLY A 424 4.10 11.93 -1.64
C GLY A 424 4.30 10.93 -0.54
N GLY A 425 3.38 9.96 -0.41
CA GLY A 425 3.44 9.01 0.67
C GLY A 425 4.02 7.63 0.37
N THR A 426 4.69 7.46 -0.75
CA THR A 426 5.15 6.12 -1.11
C THR A 426 6.13 5.55 -0.07
N SER A 427 6.94 6.42 0.52
CA SER A 427 8.09 5.99 1.29
C SER A 427 7.76 5.71 2.72
N PHE A 428 6.52 5.95 3.13
CA PHE A 428 6.15 5.80 4.53
C PHE A 428 5.83 4.36 4.89
N PRO A 429 6.12 4.00 6.14
CA PRO A 429 5.99 2.63 6.60
C PRO A 429 4.58 2.26 7.07
N TYR A 430 3.60 2.58 6.23
CA TYR A 430 2.21 2.38 6.63
C TYR A 430 1.37 1.75 5.52
N VAL A 431 0.43 0.91 5.95
CA VAL A 431 -0.53 0.24 5.09
C VAL A 431 -1.95 0.76 5.38
N ILE A 432 -2.73 1.01 4.35
CA ILE A 432 -4.07 1.53 4.52
C ILE A 432 -5.06 0.40 4.77
N TYR A 433 -6.10 0.74 5.55
CA TYR A 433 -7.19 -0.15 5.92
C TYR A 433 -8.42 0.74 6.00
N ASN A 434 -9.59 0.14 6.12
CA ASN A 434 -10.79 0.93 6.41
C ASN A 434 -11.94 0.12 7.04
N ASP A 435 -13.06 0.76 7.31
CA ASP A 435 -14.27 0.11 7.87
C ASP A 435 -15.29 -0.37 6.85
N TYR A 436 -14.96 -0.27 5.57
CA TYR A 436 -15.75 -0.85 4.49
C TYR A 436 -15.43 -2.34 4.54
N TYR A 437 -16.17 -3.18 3.82
CA TYR A 437 -15.92 -4.61 3.93
C TYR A 437 -16.28 -5.44 2.73
N ASN A 438 -16.77 -4.85 1.66
CA ASN A 438 -17.10 -5.64 0.48
C ASN A 438 -15.85 -6.33 -0.03
N HIS A 439 -15.87 -7.66 -0.08
CA HIS A 439 -14.67 -8.42 -0.40
C HIS A 439 -14.13 -8.14 -1.82
N GLN A 440 -15.01 -8.17 -2.81
CA GLN A 440 -14.64 -7.90 -4.21
C GLN A 440 -13.91 -6.55 -4.34
N ASP A 441 -14.50 -5.55 -3.70
CA ASP A 441 -14.02 -4.19 -3.72
C ASP A 441 -12.67 -4.09 -2.98
N PHE A 442 -12.51 -4.86 -1.91
CA PHE A 442 -11.24 -4.96 -1.23
C PHE A 442 -10.12 -5.42 -2.16
N ILE A 443 -10.43 -6.38 -3.03
CA ILE A 443 -9.45 -6.87 -3.99
C ILE A 443 -9.14 -5.77 -5.03
N THR A 444 -10.18 -5.12 -5.54
CA THR A 444 -10.03 -4.04 -6.48
C THR A 444 -9.16 -2.90 -5.91
N ALA A 445 -9.33 -2.58 -4.63
CA ALA A 445 -8.50 -1.57 -4.01
C ALA A 445 -7.05 -2.02 -3.97
N LEU A 446 -6.82 -3.31 -3.72
CA LEU A 446 -5.47 -3.85 -3.70
C LEU A 446 -4.82 -3.68 -5.09
N ILE A 447 -5.57 -4.00 -6.14
CA ILE A 447 -5.10 -3.73 -7.49
C ILE A 447 -4.70 -2.24 -7.67
N ASN A 448 -5.59 -1.35 -7.26
CA ASN A 448 -5.40 0.09 -7.50
C ASN A 448 -4.31 0.68 -6.62
N SER A 449 -4.04 0.02 -5.49
CA SER A 449 -2.99 0.49 -4.63
C SER A 449 -1.68 0.58 -5.43
N GLY A 450 -1.52 -0.32 -6.40
CA GLY A 450 -0.31 -0.38 -7.23
C GLY A 450 -0.14 0.80 -8.18
N PHE A 451 -1.26 1.42 -8.58
CA PHE A 451 -1.26 2.66 -9.38
C PHE A 451 -1.21 3.96 -8.57
N ALA A 452 -1.23 3.84 -7.24
CA ALA A 452 -1.49 4.97 -6.35
C ALA A 452 -0.37 5.30 -5.38
N GLY A 453 0.73 4.53 -5.41
CA GLY A 453 1.87 4.84 -4.55
C GLY A 453 1.63 4.65 -3.07
N VAL A 454 0.69 3.75 -2.75
CA VAL A 454 0.40 3.39 -1.35
C VAL A 454 0.18 1.90 -1.23
N LEU A 455 0.25 1.42 0.01
CA LEU A 455 -0.05 0.03 0.32
C LEU A 455 -1.46 -0.05 0.91
N TRP A 456 -2.14 -1.16 0.62
CA TRP A 456 -3.49 -1.42 1.10
C TRP A 456 -3.59 -2.86 1.56
N THR A 457 -4.22 -3.09 2.71
CA THR A 457 -4.51 -4.44 3.14
C THR A 457 -6.02 -4.70 3.22
N PRO A 458 -6.48 -5.78 2.57
CA PRO A 458 -7.86 -6.21 2.71
C PRO A 458 -8.00 -7.02 4.00
N GLU A 459 -8.20 -6.33 5.11
CA GLU A 459 -8.13 -6.96 6.41
C GLU A 459 -9.29 -7.91 6.67
N VAL A 460 -9.07 -8.80 7.64
CA VAL A 460 -10.07 -9.75 8.09
C VAL A 460 -10.57 -9.29 9.48
N ARG A 461 -11.89 -9.19 9.65
CA ARG A 461 -12.50 -8.81 10.95
C ARG A 461 -13.47 -9.88 11.49
N ALA A 462 -14.49 -10.15 10.67
CA ALA A 462 -15.62 -11.02 10.99
C ALA A 462 -16.18 -11.61 9.68
N SER A 463 -17.07 -12.58 9.85
CA SER A 463 -17.66 -13.30 8.72
C SER A 463 -18.89 -14.02 9.25
N LYS A 464 -19.88 -14.10 8.39
CA LYS A 464 -21.10 -14.83 8.63
C LYS A 464 -20.87 -16.34 8.63
N SER A 465 -19.88 -16.79 7.86
CA SER A 465 -19.65 -18.20 7.62
C SER A 465 -18.16 -18.49 7.62
N GLY A 466 -17.82 -19.76 7.84
CA GLY A 466 -16.45 -20.23 7.77
C GLY A 466 -15.88 -20.08 6.37
N GLU A 467 -16.72 -20.28 5.38
CA GLU A 467 -16.33 -20.11 4.01
C GLU A 467 -15.81 -18.70 3.72
N GLU A 468 -16.56 -17.68 4.10
CA GLU A 468 -16.19 -16.31 3.89
C GLU A 468 -14.92 -16.00 4.67
N TRP A 469 -14.82 -16.56 5.87
CA TRP A 469 -13.67 -16.29 6.75
C TRP A 469 -12.38 -16.78 6.11
N LEU A 470 -12.41 -17.98 5.54
CA LEU A 470 -11.24 -18.53 4.89
C LEU A 470 -10.92 -17.80 3.58
N ARG A 471 -11.94 -17.52 2.78
CA ARG A 471 -11.71 -16.75 1.56
C ARG A 471 -11.03 -15.42 1.88
N ARG A 472 -11.45 -14.75 2.95
CA ARG A 472 -10.90 -13.45 3.28
C ARG A 472 -9.48 -13.61 3.79
N PHE A 473 -9.26 -14.67 4.57
CA PHE A 473 -7.95 -14.94 5.12
C PHE A 473 -6.97 -15.27 3.98
N GLN A 474 -7.45 -16.04 3.00
CA GLN A 474 -6.61 -16.40 1.85
C GLN A 474 -6.12 -15.19 1.08
N SER A 475 -7.02 -14.25 0.76
CA SER A 475 -6.60 -13.07 0.03
C SER A 475 -5.70 -12.16 0.88
N ASN A 476 -6.00 -12.12 2.18
CA ASN A 476 -5.24 -11.31 3.10
C ASN A 476 -3.75 -11.73 3.22
N VAL A 477 -3.46 -13.03 3.20
CA VAL A 477 -2.07 -13.48 3.30
C VAL A 477 -1.30 -13.28 1.99
N PHE A 478 -2.02 -12.97 0.90
CA PHE A 478 -1.41 -12.50 -0.32
C PHE A 478 -1.64 -10.99 -0.42
N SER A 479 -1.14 -10.28 0.58
CA SER A 479 -1.28 -8.82 0.64
C SER A 479 -0.15 -8.23 1.51
N PRO A 480 -0.02 -6.89 1.53
CA PRO A 480 1.02 -6.26 2.32
C PRO A 480 1.03 -6.67 3.79
N MET A 481 -0.14 -6.90 4.38
CA MET A 481 -0.20 -7.14 5.83
C MET A 481 -1.23 -8.19 6.15
N ALA A 482 -0.77 -9.24 6.84
CA ALA A 482 -1.57 -10.40 7.15
C ALA A 482 -2.12 -10.16 8.54
N MET A 483 -3.43 -9.88 8.60
CA MET A 483 -4.03 -9.28 9.78
C MET A 483 -5.46 -9.68 9.96
N ILE A 484 -5.78 -10.02 11.21
CA ILE A 484 -7.15 -10.02 11.69
C ILE A 484 -7.25 -8.84 12.63
N ASN A 485 -8.24 -7.97 12.38
CA ASN A 485 -8.54 -6.84 13.21
C ASN A 485 -9.81 -7.15 13.98
N ALA A 486 -9.62 -7.67 15.20
CA ALA A 486 -10.74 -8.09 16.08
C ALA A 486 -11.15 -7.00 17.08
N TRP A 487 -10.98 -5.74 16.72
CA TRP A 487 -11.24 -4.65 17.65
C TRP A 487 -12.63 -4.74 18.26
N ALA A 488 -13.60 -5.15 17.45
CA ALA A 488 -14.99 -5.33 17.89
C ALA A 488 -15.43 -6.75 17.87
N SER A 489 -14.83 -7.55 16.99
CA SER A 489 -15.30 -8.90 16.78
C SER A 489 -14.74 -9.90 17.81
N GLY A 490 -13.57 -9.62 18.37
CA GLY A 490 -12.89 -10.63 19.22
C GLY A 490 -12.51 -11.93 18.55
N THR A 491 -12.52 -11.99 17.21
CA THR A 491 -12.11 -13.21 16.49
C THR A 491 -10.62 -13.50 16.55
N LYS A 492 -10.28 -14.77 16.32
CA LYS A 492 -8.89 -15.25 16.20
C LYS A 492 -8.86 -16.15 14.96
N PRO A 493 -7.67 -16.53 14.50
CA PRO A 493 -7.60 -17.32 13.27
C PRO A 493 -8.45 -18.61 13.31
N TRP A 494 -8.58 -19.16 14.51
CA TRP A 494 -9.25 -20.42 14.74
C TRP A 494 -10.70 -20.28 15.13
N SER A 495 -11.25 -19.08 15.08
CA SER A 495 -12.62 -18.88 15.59
C SER A 495 -13.72 -19.64 14.83
N TYR A 496 -13.45 -20.07 13.58
CA TYR A 496 -14.42 -20.73 12.73
C TYR A 496 -13.92 -22.15 12.54
N PRO A 497 -14.53 -23.11 13.28
CA PRO A 497 -13.95 -24.47 13.36
C PRO A 497 -14.06 -25.29 12.08
N GLU A 498 -15.05 -25.01 11.24
CA GLU A 498 -15.14 -25.73 9.97
C GLU A 498 -13.94 -25.47 9.05
N VAL A 499 -13.24 -24.34 9.24
CA VAL A 499 -12.14 -23.98 8.36
C VAL A 499 -10.81 -23.77 9.11
N GLU A 500 -10.74 -24.10 10.40
CA GLU A 500 -9.59 -23.72 11.19
C GLU A 500 -8.29 -24.34 10.73
N ALA A 501 -8.36 -25.59 10.26
CA ALA A 501 -7.17 -26.29 9.78
C ALA A 501 -6.61 -25.60 8.50
N ASP A 502 -7.48 -25.23 7.58
CA ASP A 502 -7.05 -24.47 6.39
C ASP A 502 -6.56 -23.08 6.72
N VAL A 503 -7.21 -22.42 7.67
CA VAL A 503 -6.69 -21.11 8.10
C VAL A 503 -5.26 -21.22 8.62
N LYS A 504 -5.03 -22.21 9.47
CA LYS A 504 -3.69 -22.48 9.98
C LYS A 504 -2.67 -22.68 8.86
N LYS A 505 -3.03 -23.49 7.88
CA LYS A 505 -2.15 -23.72 6.75
C LYS A 505 -1.78 -22.42 6.03
N PHE A 506 -2.77 -21.53 5.83
CA PHE A 506 -2.47 -20.25 5.18
C PHE A 506 -1.69 -19.29 6.06
N ALA A 507 -1.87 -19.34 7.37
CA ALA A 507 -1.02 -18.59 8.28
C ALA A 507 0.44 -19.04 8.21
N LEU A 508 0.67 -20.35 8.18
CA LEU A 508 2.02 -20.85 8.15
C LEU A 508 2.68 -20.60 6.78
N LEU A 509 1.87 -20.69 5.73
CA LEU A 509 2.29 -20.31 4.40
C LEU A 509 2.83 -18.89 4.36
N ARG A 510 2.13 -17.96 5.03
CA ARG A 510 2.57 -16.58 5.08
C ARG A 510 4.01 -16.44 5.63
N MET A 511 4.32 -17.20 6.68
CA MET A 511 5.67 -17.24 7.26
C MET A 511 6.65 -17.90 6.29
N GLN A 512 6.26 -19.04 5.73
CA GLN A 512 7.12 -19.72 4.80
C GLN A 512 7.45 -18.82 3.62
N MET A 513 6.47 -18.05 3.14
CA MET A 513 6.71 -17.13 2.02
C MET A 513 7.47 -15.86 2.40
N MET A 514 7.89 -15.69 3.65
CA MET A 514 8.52 -14.44 4.07
C MET A 514 9.68 -13.97 3.16
N PRO A 515 10.55 -14.89 2.70
CA PRO A 515 11.65 -14.41 1.83
C PRO A 515 11.17 -13.92 0.47
N TYR A 516 10.13 -14.54 -0.06
CA TYR A 516 9.51 -14.04 -1.28
C TYR A 516 8.97 -12.61 -1.06
N TRP A 517 8.19 -12.39 -0.02
CA TRP A 517 7.61 -11.07 0.25
C TRP A 517 8.67 -10.01 0.52
N TYR A 518 9.68 -10.39 1.30
CA TYR A 518 10.73 -9.47 1.70
C TYR A 518 11.50 -9.00 0.44
N SER A 519 11.81 -9.94 -0.44
CA SER A 519 12.48 -9.56 -1.67
C SER A 519 11.57 -8.63 -2.51
N ALA A 520 10.27 -8.89 -2.50
CA ALA A 520 9.34 -8.04 -3.26
C ALA A 520 9.31 -6.63 -2.73
N PHE A 521 9.28 -6.52 -1.41
CA PHE A 521 9.34 -5.23 -0.74
C PHE A 521 10.68 -4.52 -0.95
N ALA A 522 11.75 -5.29 -1.08
CA ALA A 522 13.04 -4.70 -1.39
C ALA A 522 12.99 -4.08 -2.78
N ARG A 523 12.39 -4.77 -3.75
CA ARG A 523 12.19 -4.13 -5.04
C ARG A 523 11.35 -2.84 -4.89
N TYR A 524 10.35 -2.83 -4.00
CA TYR A 524 9.54 -1.63 -3.82
C TYR A 524 10.43 -0.48 -3.37
N HIS A 525 11.31 -0.75 -2.41
CA HIS A 525 12.15 0.27 -1.84
C HIS A 525 13.21 0.74 -2.85
N PHE A 526 13.91 -0.20 -3.47
CA PHE A 526 15.07 0.12 -4.31
C PHE A 526 14.74 0.52 -5.72
N GLU A 527 13.70 -0.06 -6.29
CA GLU A 527 13.34 0.21 -7.67
C GLU A 527 11.97 0.86 -7.85
N GLY A 528 11.20 0.96 -6.78
CA GLY A 528 9.88 1.58 -6.83
C GLY A 528 8.82 0.66 -7.39
N MET A 529 9.09 -0.64 -7.43
CA MET A 529 8.18 -1.62 -8.00
C MET A 529 7.08 -2.00 -6.98
N PRO A 530 5.81 -1.67 -7.26
CA PRO A 530 4.74 -1.99 -6.28
C PRO A 530 4.59 -3.49 -6.14
N PRO A 531 4.61 -4.02 -4.92
CA PRO A 531 4.59 -5.46 -4.76
C PRO A 531 3.24 -6.10 -5.10
N PHE A 532 2.17 -5.30 -5.14
CA PHE A 532 0.85 -5.74 -5.53
C PHE A 532 0.32 -4.81 -6.59
N ARG A 533 -0.12 -5.39 -7.70
CA ARG A 533 -0.53 -4.56 -8.81
C ARG A 533 -1.42 -5.25 -9.79
N GLY A 534 -1.98 -4.47 -10.71
CA GLY A 534 -2.94 -4.99 -11.68
C GLY A 534 -2.29 -5.77 -12.81
N MET A 535 -3.13 -6.37 -13.66
CA MET A 535 -2.65 -7.17 -14.79
C MET A 535 -2.21 -6.24 -15.90
N GLY A 536 -1.46 -6.79 -16.83
CA GLY A 536 -1.00 -6.09 -17.99
C GLY A 536 0.06 -5.06 -17.67
N LEU A 537 0.87 -5.33 -16.63
CA LEU A 537 1.90 -4.41 -16.14
C LEU A 537 3.29 -5.05 -16.09
N GLU A 538 3.69 -5.72 -17.18
CA GLU A 538 4.83 -6.65 -17.17
C GLU A 538 6.19 -6.02 -16.90
N SER A 565 -6.70 -5.96 -22.44
CA SER A 565 -7.82 -5.60 -23.31
C SER A 565 -9.04 -5.09 -22.48
N LYS A 566 -9.77 -6.00 -21.82
CA LYS A 566 -10.89 -5.59 -20.94
C LYS A 566 -10.42 -5.42 -19.49
N GLU A 567 -11.30 -4.84 -18.68
CA GLU A 567 -10.98 -4.43 -17.32
C GLU A 567 -10.87 -5.66 -16.47
N ILE A 568 -9.79 -5.82 -15.72
CA ILE A 568 -9.68 -6.93 -14.77
C ILE A 568 -9.59 -6.39 -13.36
N LYS A 569 -10.62 -6.70 -12.58
CA LYS A 569 -10.86 -6.10 -11.25
C LYS A 569 -10.68 -7.09 -10.11
N ASP A 570 -10.36 -8.34 -10.45
CA ASP A 570 -10.40 -9.42 -9.47
C ASP A 570 -9.20 -10.38 -9.61
N GLN A 571 -8.09 -9.89 -10.16
CA GLN A 571 -6.82 -10.61 -10.21
C GLN A 571 -5.69 -9.61 -10.03
N TYR A 572 -4.61 -10.06 -9.40
CA TYR A 572 -3.49 -9.20 -9.18
C TYR A 572 -2.20 -9.98 -9.20
N MET A 573 -1.11 -9.30 -9.50
CA MET A 573 0.24 -9.84 -9.36
C MET A 573 0.72 -9.53 -7.94
N ALA A 574 1.32 -10.55 -7.33
CA ALA A 574 1.86 -10.49 -5.97
C ALA A 574 3.32 -10.89 -6.07
N GLY A 575 4.19 -9.89 -5.91
CA GLY A 575 5.59 -10.00 -6.35
C GLY A 575 5.66 -10.16 -7.87
N ASP A 576 6.79 -10.64 -8.37
CA ASP A 576 7.05 -10.70 -9.80
C ASP A 576 6.46 -11.94 -10.42
N ASP A 577 6.30 -12.99 -9.60
CA ASP A 577 6.08 -14.33 -10.13
C ASP A 577 4.62 -14.90 -9.99
N LEU A 578 3.79 -14.32 -9.14
CA LEU A 578 2.52 -14.94 -8.76
C LEU A 578 1.33 -14.13 -9.22
N LEU A 579 0.41 -14.81 -9.90
CA LEU A 579 -0.83 -14.21 -10.29
C LEU A 579 -1.87 -14.78 -9.32
N VAL A 580 -2.55 -13.88 -8.60
CA VAL A 580 -3.51 -14.28 -7.58
C VAL A 580 -4.89 -13.95 -8.10
N ALA A 581 -5.78 -14.93 -7.99
CA ALA A 581 -7.14 -14.78 -8.46
C ALA A 581 -8.13 -15.22 -7.36
N PRO A 582 -8.48 -14.30 -6.45
CA PRO A 582 -9.28 -14.71 -5.29
C PRO A 582 -10.69 -15.30 -5.59
N MET A 583 -11.09 -16.25 -4.76
CA MET A 583 -12.48 -16.72 -4.66
C MET A 583 -13.22 -15.87 -3.66
N PHE A 584 -14.52 -15.69 -3.91
CA PHE A 584 -15.43 -15.00 -3.01
C PHE A 584 -16.48 -15.96 -2.46
N ALA A 585 -16.99 -15.67 -1.26
CA ALA A 585 -17.94 -16.57 -0.61
C ALA A 585 -19.16 -16.71 -1.48
N GLY A 586 -19.64 -17.94 -1.59
CA GLY A 586 -20.81 -18.24 -2.41
C GLY A 586 -20.42 -18.74 -3.79
N GLU A 587 -19.15 -18.61 -4.18
CA GLU A 587 -18.71 -19.05 -5.50
C GLU A 587 -18.05 -20.41 -5.40
N LYS A 588 -18.38 -21.27 -6.33
CA LYS A 588 -17.72 -22.57 -6.50
C LYS A 588 -16.57 -22.51 -7.51
N SER A 589 -16.73 -21.69 -8.53
CA SER A 589 -15.73 -21.55 -9.58
C SER A 589 -15.61 -20.12 -10.04
N ARG A 590 -14.56 -19.83 -10.81
CA ARG A 590 -14.34 -18.49 -11.38
C ARG A 590 -13.51 -18.61 -12.63
N LYS A 591 -13.52 -17.55 -13.45
CA LYS A 591 -12.61 -17.42 -14.59
C LYS A 591 -11.31 -16.79 -14.15
N VAL A 592 -10.19 -17.24 -14.75
CA VAL A 592 -8.86 -16.65 -14.55
C VAL A 592 -8.29 -16.36 -15.93
N VAL A 593 -8.00 -15.10 -16.21
CA VAL A 593 -7.38 -14.69 -17.46
C VAL A 593 -5.86 -14.77 -17.32
N LEU A 594 -5.22 -15.66 -18.07
CA LEU A 594 -3.75 -15.83 -18.02
C LEU A 594 -3.09 -14.99 -19.12
N PRO A 595 -2.08 -14.17 -18.78
CA PRO A 595 -1.33 -13.45 -19.82
C PRO A 595 -0.57 -14.45 -20.71
N LYS A 596 -0.08 -14.00 -21.87
CA LYS A 596 0.81 -14.81 -22.76
C LYS A 596 1.96 -15.34 -21.96
N GLY A 597 2.48 -16.49 -22.36
CA GLY A 597 3.49 -17.21 -21.59
C GLY A 597 2.85 -18.32 -20.77
N LYS A 598 3.63 -19.33 -20.43
CA LYS A 598 3.08 -20.47 -19.73
C LYS A 598 2.95 -20.18 -18.23
N TRP A 599 1.88 -20.71 -17.61
CA TRP A 599 1.64 -20.60 -16.19
C TRP A 599 1.48 -21.93 -15.54
N TYR A 600 1.87 -22.03 -14.27
CA TYR A 600 1.86 -23.27 -13.50
C TYR A 600 1.10 -23.13 -12.19
N ASP A 601 0.42 -24.19 -11.79
CA ASP A 601 -0.33 -24.18 -10.56
C ASP A 601 0.60 -24.03 -9.36
N PHE A 602 0.30 -23.07 -8.51
CA PHE A 602 1.12 -22.74 -7.35
C PHE A 602 1.25 -23.93 -6.40
N TYR A 603 0.21 -24.75 -6.31
CA TYR A 603 0.17 -25.85 -5.33
C TYR A 603 0.78 -27.15 -5.87
N THR A 604 0.45 -27.50 -7.11
CA THR A 604 0.85 -28.79 -7.66
C THR A 604 2.03 -28.67 -8.63
N GLY A 605 2.24 -27.45 -9.14
CA GLY A 605 3.23 -27.20 -10.15
C GLY A 605 2.83 -27.59 -11.55
N GLU A 606 1.60 -28.03 -11.77
CA GLU A 606 1.23 -28.54 -13.11
C GLU A 606 0.91 -27.38 -14.05
N TYR A 607 1.18 -27.59 -15.34
CA TYR A 607 0.80 -26.63 -16.39
C TYR A 607 -0.66 -26.23 -16.27
N ALA A 608 -0.90 -24.93 -16.29
CA ALA A 608 -2.25 -24.41 -16.20
C ALA A 608 -2.76 -23.85 -17.52
N GLY A 609 -1.89 -23.27 -18.34
CA GLY A 609 -2.38 -22.50 -19.49
C GLY A 609 -1.41 -21.45 -19.94
N ASP A 610 -1.76 -20.74 -21.01
CA ASP A 610 -0.90 -19.78 -21.70
C ASP A 610 -1.77 -18.84 -22.54
N GLY A 611 -1.80 -17.54 -22.25
CA GLY A 611 -2.58 -16.60 -23.04
C GLY A 611 -4.03 -17.04 -23.27
N GLU A 612 -4.74 -17.43 -22.22
CA GLU A 612 -6.10 -17.97 -22.34
C GLU A 612 -6.88 -17.77 -21.04
N VAL A 613 -8.19 -18.02 -21.11
CA VAL A 613 -9.08 -17.96 -19.97
C VAL A 613 -9.36 -19.36 -19.44
N LEU A 614 -9.17 -19.57 -18.12
CA LEU A 614 -9.47 -20.84 -17.47
C LEU A 614 -10.77 -20.73 -16.70
N ASP A 615 -11.54 -21.83 -16.61
CA ASP A 615 -12.59 -21.97 -15.60
C ASP A 615 -12.03 -22.84 -14.51
N VAL A 616 -12.06 -22.33 -13.30
CA VAL A 616 -11.35 -22.96 -12.19
C VAL A 616 -12.31 -23.25 -11.05
N THR A 617 -12.21 -24.46 -10.49
CA THR A 617 -13.01 -24.84 -9.34
C THR A 617 -12.02 -25.29 -8.28
N PRO A 618 -11.50 -24.33 -7.50
CA PRO A 618 -10.33 -24.62 -6.69
C PRO A 618 -10.61 -25.45 -5.44
N GLY A 619 -11.85 -25.48 -4.98
CA GLY A 619 -12.11 -26.00 -3.65
C GLY A 619 -11.96 -24.87 -2.62
N LEU A 620 -12.41 -25.14 -1.41
CA LEU A 620 -12.39 -24.18 -0.34
C LEU A 620 -11.00 -24.03 0.23
N ASP A 621 -10.23 -25.09 0.15
CA ASP A 621 -8.89 -25.13 0.73
C ASP A 621 -7.79 -24.43 -0.10
N LYS A 622 -8.12 -23.92 -1.29
CA LYS A 622 -7.14 -23.23 -2.12
C LYS A 622 -7.63 -21.89 -2.62
N ILE A 623 -6.75 -20.89 -2.56
CA ILE A 623 -6.90 -19.67 -3.36
C ILE A 623 -6.19 -19.85 -4.70
N PRO A 624 -6.90 -19.62 -5.83
CA PRO A 624 -6.22 -19.73 -7.10
C PRO A 624 -4.99 -18.80 -7.22
N VAL A 625 -3.82 -19.43 -7.36
CA VAL A 625 -2.58 -18.74 -7.61
C VAL A 625 -1.82 -19.48 -8.70
N TYR A 626 -1.24 -18.72 -9.63
CA TYR A 626 -0.52 -19.27 -10.76
C TYR A 626 0.85 -18.60 -10.83
N VAL A 627 1.85 -19.38 -11.22
CA VAL A 627 3.24 -18.95 -11.21
C VAL A 627 3.71 -18.90 -12.64
N ARG A 628 4.42 -17.82 -13.00
CA ARG A 628 4.94 -17.71 -14.36
C ARG A 628 5.97 -18.82 -14.64
N ASP A 629 6.22 -19.07 -15.91
CA ASP A 629 7.22 -20.06 -16.35
C ASP A 629 8.60 -19.59 -15.85
N GLY A 630 9.30 -20.49 -15.18
CA GLY A 630 10.59 -20.17 -14.56
C GLY A 630 10.49 -19.42 -13.25
N GLY A 631 9.28 -19.26 -12.74
CA GLY A 631 9.08 -18.51 -11.51
C GLY A 631 9.62 -19.22 -10.29
N ILE A 632 10.04 -18.44 -9.31
CA ILE A 632 10.73 -18.97 -8.15
C ILE A 632 10.13 -18.38 -6.87
N VAL A 633 9.80 -19.25 -5.91
CA VAL A 633 9.34 -18.83 -4.60
C VAL A 633 10.27 -19.47 -3.57
N PRO A 634 11.19 -18.68 -2.98
CA PRO A 634 11.99 -19.18 -1.88
C PRO A 634 11.12 -19.32 -0.65
N MET A 635 11.19 -20.47 0.01
CA MET A 635 10.40 -20.74 1.21
C MET A 635 11.32 -21.02 2.38
N MET A 636 11.12 -20.30 3.46
CA MET A 636 11.73 -20.65 4.71
C MET A 636 10.85 -21.67 5.44
N PRO A 637 11.28 -22.15 6.62
CA PRO A 637 10.42 -23.05 7.36
C PRO A 637 9.25 -22.30 7.96
N ALA A 638 8.22 -23.05 8.39
CA ALA A 638 7.04 -22.50 8.98
C ALA A 638 7.31 -22.06 10.43
N LEU A 639 8.17 -21.06 10.58
CA LEU A 639 8.43 -20.48 11.88
C LEU A 639 7.17 -19.76 12.38
N LEU A 640 7.05 -19.63 13.69
CA LEU A 640 5.90 -18.95 14.29
C LEU A 640 6.17 -17.46 14.54
N ASN A 641 7.43 -17.08 14.41
CA ASN A 641 7.89 -15.75 14.70
C ASN A 641 8.95 -15.43 13.64
N SER A 642 9.03 -14.18 13.19
CA SER A 642 10.05 -13.81 12.18
C SER A 642 11.45 -14.03 12.74
N PRO A 643 12.38 -14.45 11.88
CA PRO A 643 13.72 -14.73 12.37
C PRO A 643 14.51 -13.47 12.71
N LYS A 644 15.39 -13.59 13.68
CA LYS A 644 16.21 -12.50 14.19
C LYS A 644 17.35 -12.28 13.22
N SER A 645 18.05 -11.16 13.35
CA SER A 645 19.12 -10.81 12.40
C SER A 645 20.33 -11.72 12.51
N ASN A 646 20.51 -12.36 13.65
CA ASN A 646 21.68 -13.17 13.90
C ASN A 646 21.39 -14.63 13.61
N GLN A 647 20.32 -14.89 12.86
CA GLN A 647 19.77 -16.23 12.78
C GLN A 647 19.86 -16.70 11.33
N LYS A 648 20.37 -17.91 11.11
CA LYS A 648 20.38 -18.47 9.78
C LYS A 648 19.08 -19.23 9.55
N VAL A 649 18.56 -19.12 8.34
CA VAL A 649 17.30 -19.75 8.00
C VAL A 649 17.48 -20.53 6.72
N ASP A 650 17.12 -21.80 6.75
CA ASP A 650 17.15 -22.66 5.57
C ASP A 650 16.08 -22.25 4.59
N LEU A 651 16.36 -22.50 3.32
CA LEU A 651 15.49 -22.12 2.25
C LEU A 651 15.30 -23.26 1.26
N GLU A 652 14.04 -23.47 0.89
CA GLU A 652 13.68 -24.39 -0.17
C GLU A 652 13.21 -23.52 -1.34
N ILE A 653 13.86 -23.67 -2.48
CA ILE A 653 13.65 -22.83 -3.64
C ILE A 653 12.69 -23.57 -4.54
N ARG A 654 11.44 -23.16 -4.57
CA ARG A 654 10.46 -23.86 -5.39
C ARG A 654 10.40 -23.20 -6.74
N TYR A 655 10.73 -23.98 -7.75
CA TYR A 655 10.93 -23.50 -9.10
C TYR A 655 9.82 -24.09 -9.96
N TYR A 656 9.16 -23.23 -10.71
CA TYR A 656 7.98 -23.63 -11.50
C TYR A 656 8.28 -23.61 -13.01
N GLY A 657 7.73 -24.61 -13.69
CA GLY A 657 7.83 -24.68 -15.15
C GLY A 657 9.16 -25.20 -15.66
N ASN A 658 9.52 -24.76 -16.87
CA ASN A 658 10.72 -25.23 -17.55
C ASN A 658 11.67 -24.15 -18.07
N LYS A 659 11.18 -22.94 -18.29
CA LYS A 659 12.06 -21.81 -18.62
C LYS A 659 13.10 -21.65 -17.50
N PRO A 660 14.37 -21.39 -17.85
CA PRO A 660 15.35 -21.10 -16.80
C PRO A 660 14.91 -19.88 -16.01
N GLY A 661 15.01 -19.98 -14.70
CA GLY A 661 14.53 -18.94 -13.82
C GLY A 661 15.64 -18.25 -13.06
N GLU A 662 15.35 -17.04 -12.61
CA GLU A 662 16.31 -16.22 -11.89
C GLU A 662 15.57 -15.36 -10.90
N PHE A 663 16.00 -15.41 -9.65
CA PHE A 663 15.40 -14.69 -8.56
C PHE A 663 16.48 -13.96 -7.80
N LYS A 664 16.22 -12.72 -7.43
CA LYS A 664 17.13 -11.95 -6.61
C LYS A 664 16.59 -11.90 -5.21
N LEU A 665 17.22 -12.65 -4.32
CA LEU A 665 16.87 -12.72 -2.94
C LEU A 665 17.57 -11.59 -2.18
N TYR A 666 16.79 -10.76 -1.51
CA TYR A 666 17.33 -9.66 -0.72
C TYR A 666 17.65 -10.15 0.69
N ASP A 667 18.77 -9.71 1.26
CA ASP A 667 19.17 -10.14 2.62
C ASP A 667 19.85 -9.00 3.39
N ASP A 668 19.44 -8.79 4.62
CA ASP A 668 20.09 -7.82 5.50
C ASP A 668 19.59 -8.14 6.91
N ASP A 669 19.72 -7.22 7.86
CA ASP A 669 19.44 -7.56 9.24
C ASP A 669 17.92 -7.55 9.52
N GLY A 670 17.14 -6.97 8.62
CA GLY A 670 15.68 -7.02 8.72
C GLY A 670 15.01 -6.13 9.76
N GLU A 671 15.79 -5.26 10.41
CA GLU A 671 15.22 -4.39 11.46
C GLU A 671 15.75 -2.99 11.64
N THR A 672 16.96 -2.68 11.13
CA THR A 672 17.55 -1.38 11.32
C THR A 672 17.67 -0.68 9.99
N PHE A 673 18.18 0.54 10.03
CA PHE A 673 18.56 1.27 8.82
C PHE A 673 20.03 1.08 8.42
N ASN A 674 20.70 0.02 8.87
CA ASN A 674 22.08 -0.22 8.43
C ASN A 674 22.21 -0.43 6.94
N TYR A 675 21.14 -0.89 6.30
CA TYR A 675 21.15 -1.06 4.86
C TYR A 675 21.45 0.22 4.12
N GLU A 676 21.08 1.34 4.72
CA GLU A 676 21.40 2.66 4.16
C GLU A 676 22.89 2.90 4.02
N LYS A 677 23.69 2.27 4.88
CA LYS A 677 25.15 2.32 4.81
C LYS A 677 25.72 1.23 3.91
N GLY A 678 24.88 0.51 3.19
CA GLY A 678 25.38 -0.55 2.33
C GLY A 678 25.45 -1.94 2.93
N ASP A 679 25.01 -2.13 4.17
CA ASP A 679 24.97 -3.51 4.73
C ASP A 679 23.71 -4.27 4.31
N PHE A 680 23.71 -4.72 3.06
CA PHE A 680 22.68 -5.60 2.50
C PHE A 680 23.31 -6.33 1.33
N SER A 681 22.61 -7.34 0.82
CA SER A 681 23.05 -8.11 -0.34
C SER A 681 21.86 -8.56 -1.16
N TRP A 682 22.07 -8.67 -2.45
CA TRP A 682 21.19 -9.39 -3.34
C TRP A 682 21.88 -10.71 -3.72
N ARG A 683 21.28 -11.84 -3.33
CA ARG A 683 21.79 -13.15 -3.64
C ARG A 683 21.03 -13.65 -4.86
N THR A 684 21.75 -13.86 -5.95
CA THR A 684 21.12 -14.27 -7.20
C THR A 684 20.93 -15.77 -7.20
N ILE A 685 19.70 -16.20 -7.44
CA ILE A 685 19.37 -17.61 -7.46
C ILE A 685 18.96 -17.99 -8.86
N ARG A 686 19.54 -19.05 -9.40
CA ARG A 686 19.21 -19.52 -10.76
C ARG A 686 18.82 -20.97 -10.69
N VAL A 687 17.79 -21.35 -11.46
CA VAL A 687 17.29 -22.72 -11.43
C VAL A 687 16.79 -23.12 -12.82
N GLU A 688 17.02 -24.39 -13.12
CA GLU A 688 16.77 -24.98 -14.41
C GLU A 688 16.56 -26.47 -14.21
N LYS A 689 16.05 -27.14 -15.22
CA LYS A 689 16.07 -28.59 -15.26
C LYS A 689 17.15 -28.98 -16.23
N ASP A 690 17.93 -30.00 -15.86
CA ASP A 690 18.99 -30.50 -16.74
C ASP A 690 18.39 -31.42 -17.81
N LYS A 691 19.25 -31.98 -18.66
CA LYS A 691 18.82 -32.72 -19.85
C LYS A 691 17.95 -33.93 -19.48
N SER A 692 18.21 -34.49 -18.29
CA SER A 692 17.43 -35.61 -17.76
C SER A 692 16.10 -35.22 -17.09
N GLY A 693 15.84 -33.94 -16.89
CA GLY A 693 14.62 -33.48 -16.23
C GLY A 693 14.78 -33.24 -14.74
N LYS A 694 16.03 -33.25 -14.25
CA LYS A 694 16.30 -33.08 -12.84
C LYS A 694 16.73 -31.68 -12.53
N VAL A 695 16.31 -31.19 -11.39
CA VAL A 695 16.49 -29.80 -11.04
C VAL A 695 17.98 -29.51 -10.85
N LYS A 696 18.42 -28.37 -11.34
CA LYS A 696 19.77 -27.90 -11.14
C LYS A 696 19.69 -26.43 -10.69
N GLY A 697 20.31 -26.12 -9.57
CA GLY A 697 20.18 -24.77 -9.02
C GLY A 697 21.49 -24.22 -8.53
N SER A 698 21.57 -22.90 -8.47
CA SER A 698 22.70 -22.24 -7.87
C SER A 698 22.24 -21.04 -7.10
N ILE A 699 23.07 -20.64 -6.14
CA ILE A 699 22.93 -19.37 -5.45
C ILE A 699 24.29 -18.68 -5.43
N SER A 700 24.30 -17.38 -5.73
CA SER A 700 25.51 -16.61 -5.70
C SER A 700 26.09 -16.59 -4.26
N ALA A 701 27.39 -16.37 -4.13
CA ALA A 701 28.08 -16.48 -2.85
C ALA A 701 27.79 -15.30 -1.96
N ALA A 702 27.73 -15.55 -0.64
CA ALA A 702 27.56 -14.51 0.36
C ALA A 702 28.68 -13.49 0.21
N VAL A 703 28.39 -12.22 0.48
CA VAL A 703 29.36 -11.17 0.25
C VAL A 703 30.10 -10.88 1.57
N LYS A 704 31.42 -10.74 1.47
CA LYS A 704 32.29 -10.53 2.65
C LYS A 704 31.89 -9.30 3.45
N GLY A 705 31.78 -9.47 4.75
CA GLY A 705 31.44 -8.38 5.64
C GLY A 705 29.95 -8.01 5.72
N LYS A 706 29.10 -8.65 4.91
CA LYS A 706 27.66 -8.35 4.92
C LYS A 706 26.90 -9.36 5.78
N VAL A 707 25.78 -8.91 6.32
CA VAL A 707 24.85 -9.81 7.04
C VAL A 707 24.53 -10.97 6.12
N ASN A 708 24.52 -12.19 6.66
CA ASN A 708 24.10 -13.37 5.90
C ASN A 708 23.17 -14.25 6.75
N THR A 709 21.87 -14.23 6.41
CA THR A 709 20.88 -15.07 7.07
C THR A 709 20.46 -16.31 6.26
N VAL A 710 21.15 -16.60 5.17
CA VAL A 710 20.74 -17.73 4.35
C VAL A 710 21.43 -18.96 4.88
N GLY A 711 20.64 -20.01 5.16
CA GLY A 711 21.17 -21.27 5.71
C GLY A 711 21.42 -22.23 4.56
N LYS A 712 20.93 -23.45 4.72
CA LYS A 712 21.07 -24.46 3.69
C LYS A 712 20.04 -24.19 2.62
N VAL A 713 20.44 -24.34 1.36
CA VAL A 713 19.55 -24.04 0.26
C VAL A 713 19.34 -25.30 -0.59
N THR A 714 18.08 -25.72 -0.71
CA THR A 714 17.72 -26.86 -1.52
C THR A 714 16.76 -26.38 -2.60
N PHE A 715 16.75 -27.10 -3.70
CA PHE A 715 15.99 -26.72 -4.86
C PHE A 715 15.00 -27.85 -5.14
N THR A 716 13.84 -27.47 -5.70
CA THR A 716 12.71 -28.36 -5.91
C THR A 716 12.06 -27.94 -7.19
N ALA A 717 12.01 -28.84 -8.17
CA ALA A 717 11.32 -28.55 -9.42
C ALA A 717 9.87 -28.91 -9.21
N MET A 718 9.01 -27.90 -9.14
CA MET A 718 7.61 -28.10 -8.83
C MET A 718 6.83 -28.74 -9.99
N THR A 719 7.28 -28.51 -11.22
CA THR A 719 6.63 -29.05 -12.39
C THR A 719 7.24 -30.42 -12.81
N LYS A 720 6.61 -31.51 -12.38
CA LYS A 720 7.04 -32.88 -12.74
C LYS A 720 6.91 -33.06 -14.22
#